data_5LXJ
#
_entry.id   5LXJ
#
_entity_poly.entity_id   1
_entity_poly.type   'polypeptide(L)'
_entity_poly.pdbx_seq_one_letter_code
;GSSSRSVIRSIIKSSKLNIDHKDYLLDLLNDVKGSKDLKEFHKMLTAILAKQP
;
_entity_poly.pdbx_strand_id   A
#
# COMPACT_ATOMS: atom_id res chain seq x y z
N GLY A 1 -6.44 -7.20 -11.69
CA GLY A 1 -6.01 -7.64 -10.38
C GLY A 1 -7.10 -7.47 -9.33
N SER A 2 -7.27 -8.49 -8.49
CA SER A 2 -8.28 -8.44 -7.44
C SER A 2 -7.62 -8.49 -6.06
N SER A 3 -7.25 -7.31 -5.55
CA SER A 3 -6.61 -7.22 -4.24
C SER A 3 -5.37 -8.10 -4.18
N SER A 4 -4.48 -7.93 -5.15
CA SER A 4 -3.24 -8.71 -5.22
C SER A 4 -2.10 -7.97 -4.53
N ARG A 5 -1.40 -8.66 -3.65
CA ARG A 5 -0.27 -8.07 -2.92
C ARG A 5 0.77 -7.54 -3.90
N SER A 6 1.03 -8.30 -4.96
CA SER A 6 2.01 -7.91 -5.96
C SER A 6 1.57 -6.63 -6.68
N VAL A 7 0.27 -6.51 -6.91
CA VAL A 7 -0.29 -5.35 -7.59
C VAL A 7 -0.24 -4.11 -6.69
N ILE A 8 -0.46 -4.32 -5.40
CA ILE A 8 -0.46 -3.23 -4.44
C ILE A 8 0.95 -2.68 -4.24
N ARG A 9 1.90 -3.56 -3.91
CA ARG A 9 3.28 -3.16 -3.70
C ARG A 9 3.80 -2.36 -4.89
N SER A 10 3.39 -2.76 -6.09
CA SER A 10 3.83 -2.09 -7.31
C SER A 10 3.39 -0.62 -7.30
N ILE A 11 2.20 -0.38 -6.76
CA ILE A 11 1.67 0.98 -6.68
C ILE A 11 2.45 1.83 -5.68
N ILE A 12 2.85 1.21 -4.57
CA ILE A 12 3.62 1.91 -3.55
C ILE A 12 5.03 2.23 -4.03
N LYS A 13 5.74 1.20 -4.46
CA LYS A 13 7.11 1.39 -4.95
C LYS A 13 7.15 2.42 -6.06
N SER A 14 6.10 2.47 -6.88
CA SER A 14 6.03 3.42 -7.98
C SER A 14 5.59 4.79 -7.48
N SER A 15 4.70 4.80 -6.50
CA SER A 15 4.19 6.04 -5.93
C SER A 15 5.34 6.96 -5.53
N LYS A 16 5.03 8.24 -5.32
CA LYS A 16 6.03 9.22 -4.93
C LYS A 16 6.04 9.41 -3.42
N LEU A 17 5.80 8.32 -2.69
CA LEU A 17 5.78 8.36 -1.24
C LEU A 17 7.21 8.40 -0.68
N ASN A 18 7.35 8.91 0.53
CA ASN A 18 8.65 9.02 1.17
C ASN A 18 9.37 7.68 1.18
N ILE A 19 10.68 7.70 0.98
CA ILE A 19 11.48 6.48 0.96
C ILE A 19 11.22 5.63 2.19
N ASP A 20 11.00 6.29 3.32
CA ASP A 20 10.73 5.60 4.57
C ASP A 20 9.29 5.09 4.61
N HIS A 21 8.37 5.88 4.06
CA HIS A 21 6.96 5.51 4.03
C HIS A 21 6.73 4.27 3.17
N LYS A 22 7.28 4.30 1.95
CA LYS A 22 7.14 3.18 1.02
C LYS A 22 7.69 1.90 1.63
N ASP A 23 8.92 1.97 2.15
CA ASP A 23 9.55 0.81 2.77
C ASP A 23 8.67 0.23 3.86
N TYR A 24 7.99 1.10 4.60
CA TYR A 24 7.11 0.67 5.68
C TYR A 24 5.84 0.01 5.13
N LEU A 25 5.22 0.67 4.15
CA LEU A 25 4.00 0.15 3.54
C LEU A 25 4.26 -1.18 2.85
N LEU A 26 5.44 -1.30 2.25
CA LEU A 26 5.82 -2.53 1.56
C LEU A 26 6.23 -3.62 2.54
N ASP A 27 6.89 -3.21 3.62
CA ASP A 27 7.33 -4.16 4.64
C ASP A 27 6.14 -4.79 5.35
N LEU A 28 5.16 -3.97 5.72
CA LEU A 28 3.96 -4.45 6.41
C LEU A 28 3.05 -5.20 5.44
N LEU A 29 2.95 -4.69 4.22
CA LEU A 29 2.11 -5.30 3.20
C LEU A 29 2.50 -6.75 2.97
N ASN A 30 3.80 -7.03 3.06
CA ASN A 30 4.32 -8.38 2.86
C ASN A 30 3.90 -9.30 4.02
N ASP A 31 3.88 -8.73 5.22
CA ASP A 31 3.50 -9.49 6.41
C ASP A 31 2.04 -9.23 6.77
N VAL A 32 1.23 -8.88 5.78
CA VAL A 32 -0.19 -8.60 6.00
C VAL A 32 -0.95 -9.88 6.28
N LYS A 33 -1.83 -9.84 7.28
CA LYS A 33 -2.64 -11.00 7.65
C LYS A 33 -4.07 -10.58 7.94
N GLY A 34 -5.01 -11.18 7.21
CA GLY A 34 -6.42 -10.87 7.41
C GLY A 34 -7.01 -10.12 6.23
N SER A 35 -8.07 -10.68 5.64
CA SER A 35 -8.72 -10.06 4.51
C SER A 35 -9.21 -8.66 4.85
N LYS A 36 -9.83 -8.53 6.02
CA LYS A 36 -10.35 -7.24 6.48
C LYS A 36 -9.20 -6.26 6.74
N ASP A 37 -8.12 -6.77 7.32
CA ASP A 37 -6.96 -5.95 7.62
C ASP A 37 -6.29 -5.46 6.34
N LEU A 38 -6.26 -6.32 5.34
CA LEU A 38 -5.64 -5.99 4.05
C LEU A 38 -6.43 -4.89 3.34
N LYS A 39 -7.75 -4.94 3.48
CA LYS A 39 -8.62 -3.95 2.84
C LYS A 39 -8.38 -2.56 3.43
N GLU A 40 -8.30 -2.50 4.76
CA GLU A 40 -8.08 -1.23 5.44
C GLU A 40 -6.79 -0.56 4.95
N PHE A 41 -5.79 -1.37 4.65
CA PHE A 41 -4.51 -0.87 4.17
C PHE A 41 -4.70 -0.04 2.91
N HIS A 42 -5.61 -0.47 2.04
CA HIS A 42 -5.89 0.23 0.80
C HIS A 42 -6.61 1.55 1.07
N LYS A 43 -7.47 1.56 2.07
CA LYS A 43 -8.22 2.75 2.44
C LYS A 43 -7.28 3.91 2.74
N MET A 44 -6.22 3.63 3.50
CA MET A 44 -5.24 4.64 3.86
C MET A 44 -4.29 4.92 2.69
N LEU A 45 -3.93 3.87 1.97
CA LEU A 45 -3.03 4.00 0.83
C LEU A 45 -3.52 5.06 -0.14
N THR A 46 -4.76 4.89 -0.61
CA THR A 46 -5.36 5.83 -1.55
C THR A 46 -5.38 7.23 -0.98
N ALA A 47 -5.59 7.34 0.33
CA ALA A 47 -5.63 8.63 1.00
C ALA A 47 -4.31 9.39 0.81
N ILE A 48 -3.21 8.64 0.80
CA ILE A 48 -1.90 9.24 0.63
C ILE A 48 -1.77 9.91 -0.73
N LEU A 49 -1.98 9.15 -1.79
CA LEU A 49 -1.88 9.66 -3.15
C LEU A 49 -2.96 10.71 -3.41
N ALA A 50 -4.14 10.49 -2.82
CA ALA A 50 -5.25 11.43 -2.98
C ALA A 50 -4.83 12.86 -2.65
N LYS A 51 -3.96 12.98 -1.65
CA LYS A 51 -3.46 14.29 -1.22
C LYS A 51 -2.25 14.72 -2.05
N GLN A 52 -1.45 13.73 -2.45
CA GLN A 52 -0.25 14.00 -3.24
C GLN A 52 -0.59 14.86 -4.45
N PRO A 53 0.45 15.50 -5.02
CA PRO A 53 0.29 16.36 -6.20
C PRO A 53 -0.03 15.57 -7.46
N GLY A 1 -8.18 -6.55 -13.91
CA GLY A 1 -8.41 -6.04 -12.57
C GLY A 1 -8.51 -7.15 -11.54
N SER A 2 -7.63 -7.11 -10.54
CA SER A 2 -7.60 -8.11 -9.49
C SER A 2 -6.94 -7.57 -8.24
N SER A 3 -7.43 -8.00 -7.08
CA SER A 3 -6.88 -7.56 -5.79
C SER A 3 -5.64 -8.37 -5.43
N SER A 4 -4.58 -8.19 -6.20
CA SER A 4 -3.33 -8.90 -5.96
C SER A 4 -2.34 -8.03 -5.20
N ARG A 5 -1.72 -8.60 -4.17
CA ARG A 5 -0.75 -7.87 -3.36
C ARG A 5 0.31 -7.22 -4.25
N SER A 6 0.69 -7.91 -5.31
CA SER A 6 1.70 -7.40 -6.23
C SER A 6 1.28 -6.04 -6.81
N VAL A 7 -0.02 -5.87 -7.03
CA VAL A 7 -0.55 -4.62 -7.56
C VAL A 7 -0.39 -3.48 -6.56
N ILE A 8 -0.86 -3.71 -5.34
CA ILE A 8 -0.77 -2.70 -4.28
C ILE A 8 0.66 -2.27 -4.06
N ARG A 9 1.54 -3.25 -3.81
CA ARG A 9 2.95 -2.97 -3.57
C ARG A 9 3.57 -2.24 -4.76
N SER A 10 3.11 -2.59 -5.96
CA SER A 10 3.63 -1.97 -7.18
C SER A 10 3.34 -0.47 -7.19
N ILE A 11 2.18 -0.09 -6.66
CA ILE A 11 1.79 1.31 -6.60
C ILE A 11 2.61 2.07 -5.58
N ILE A 12 2.90 1.42 -4.46
CA ILE A 12 3.70 2.04 -3.40
C ILE A 12 5.14 2.22 -3.83
N LYS A 13 5.77 1.12 -4.23
CA LYS A 13 7.17 1.16 -4.67
C LYS A 13 7.37 2.20 -5.76
N SER A 14 6.37 2.36 -6.62
CA SER A 14 6.44 3.33 -7.71
C SER A 14 6.11 4.73 -7.21
N SER A 15 5.18 4.82 -6.27
CA SER A 15 4.78 6.10 -5.71
C SER A 15 5.98 6.89 -5.22
N LYS A 16 5.90 8.21 -5.32
CA LYS A 16 6.99 9.09 -4.90
C LYS A 16 6.71 9.67 -3.52
N LEU A 17 6.05 8.89 -2.67
CA LEU A 17 5.72 9.34 -1.32
C LEU A 17 6.98 9.65 -0.53
N ASN A 18 7.68 8.60 -0.10
CA ASN A 18 8.90 8.75 0.67
C ASN A 18 9.61 7.41 0.86
N ILE A 19 10.94 7.45 0.87
CA ILE A 19 11.72 6.24 1.05
C ILE A 19 11.29 5.46 2.29
N ASP A 20 10.94 6.20 3.34
CA ASP A 20 10.50 5.59 4.60
C ASP A 20 9.04 5.15 4.50
N HIS A 21 8.20 6.03 3.96
CA HIS A 21 6.77 5.73 3.82
C HIS A 21 6.58 4.46 2.99
N LYS A 22 7.17 4.42 1.80
CA LYS A 22 7.05 3.27 0.93
C LYS A 22 7.59 2.01 1.60
N ASP A 23 8.80 2.11 2.14
CA ASP A 23 9.43 0.98 2.82
C ASP A 23 8.53 0.45 3.92
N TYR A 24 7.87 1.35 4.63
CA TYR A 24 6.97 0.96 5.72
C TYR A 24 5.72 0.28 5.18
N LEU A 25 5.07 0.93 4.23
CA LEU A 25 3.85 0.39 3.64
C LEU A 25 4.12 -0.97 2.99
N LEU A 26 5.31 -1.11 2.40
CA LEU A 26 5.68 -2.36 1.75
C LEU A 26 6.12 -3.40 2.78
N ASP A 27 6.78 -2.95 3.84
CA ASP A 27 7.24 -3.83 4.89
C ASP A 27 6.06 -4.46 5.63
N LEU A 28 5.07 -3.65 5.97
CA LEU A 28 3.89 -4.12 6.67
C LEU A 28 2.99 -4.93 5.74
N LEU A 29 2.86 -4.46 4.50
CA LEU A 29 2.04 -5.14 3.52
C LEU A 29 2.48 -6.59 3.32
N ASN A 30 3.79 -6.82 3.40
CA ASN A 30 4.34 -8.15 3.24
C ASN A 30 4.01 -9.02 4.45
N ASP A 31 4.01 -8.42 5.63
CA ASP A 31 3.71 -9.13 6.86
C ASP A 31 2.26 -8.92 7.28
N VAL A 32 1.40 -8.63 6.31
CA VAL A 32 -0.01 -8.40 6.57
C VAL A 32 -0.70 -9.67 7.03
N LYS A 33 -1.62 -9.54 7.99
CA LYS A 33 -2.35 -10.68 8.52
C LYS A 33 -3.80 -10.31 8.79
N GLY A 34 -4.72 -10.93 8.05
CA GLY A 34 -6.13 -10.66 8.23
C GLY A 34 -6.73 -9.93 7.04
N SER A 35 -7.81 -10.50 6.50
CA SER A 35 -8.48 -9.90 5.35
C SER A 35 -8.93 -8.48 5.66
N LYS A 36 -9.50 -8.29 6.84
CA LYS A 36 -9.98 -6.97 7.26
C LYS A 36 -8.85 -5.95 7.20
N ASP A 37 -7.65 -6.35 7.59
CA ASP A 37 -6.50 -5.47 7.57
C ASP A 37 -6.02 -5.22 6.13
N LEU A 38 -6.00 -6.29 5.34
CA LEU A 38 -5.57 -6.19 3.95
C LEU A 38 -6.41 -5.17 3.18
N LYS A 39 -7.73 -5.29 3.31
CA LYS A 39 -8.66 -4.39 2.64
C LYS A 39 -8.55 -2.98 3.22
N GLU A 40 -8.58 -2.89 4.55
CA GLU A 40 -8.49 -1.61 5.24
C GLU A 40 -7.23 -0.85 4.82
N PHE A 41 -6.15 -1.59 4.61
CA PHE A 41 -4.88 -0.99 4.21
C PHE A 41 -5.04 -0.19 2.93
N HIS A 42 -5.88 -0.69 2.02
CA HIS A 42 -6.12 -0.01 0.75
C HIS A 42 -6.87 1.31 0.97
N LYS A 43 -7.78 1.30 1.94
CA LYS A 43 -8.56 2.50 2.24
C LYS A 43 -7.65 3.68 2.57
N MET A 44 -6.64 3.42 3.41
CA MET A 44 -5.70 4.47 3.79
C MET A 44 -4.69 4.74 2.68
N LEU A 45 -4.31 3.69 1.96
CA LEU A 45 -3.36 3.82 0.87
C LEU A 45 -3.82 4.87 -0.14
N THR A 46 -5.03 4.68 -0.65
CA THR A 46 -5.59 5.61 -1.63
C THR A 46 -5.65 7.03 -1.07
N ALA A 47 -5.92 7.13 0.23
CA ALA A 47 -6.00 8.43 0.89
C ALA A 47 -4.66 9.18 0.79
N ILE A 48 -3.57 8.45 1.00
CA ILE A 48 -2.24 9.04 0.93
C ILE A 48 -1.97 9.65 -0.44
N LEU A 49 -2.03 8.81 -1.48
CA LEU A 49 -1.79 9.27 -2.84
C LEU A 49 -2.81 10.34 -3.24
N ALA A 50 -4.03 10.18 -2.76
CA ALA A 50 -5.09 11.14 -3.07
C ALA A 50 -4.67 12.56 -2.72
N LYS A 51 -3.92 12.69 -1.64
CA LYS A 51 -3.44 14.00 -1.20
C LYS A 51 -2.28 14.49 -2.06
N GLN A 52 -1.48 13.54 -2.55
CA GLN A 52 -0.34 13.88 -3.40
C GLN A 52 -0.79 14.58 -4.67
N PRO A 53 0.14 15.28 -5.32
CA PRO A 53 -0.14 16.00 -6.57
C PRO A 53 -0.39 15.07 -7.74
N GLY A 1 -11.09 -6.14 -10.80
CA GLY A 1 -11.52 -7.50 -10.50
C GLY A 1 -10.64 -8.17 -9.45
N SER A 2 -9.35 -8.26 -9.74
CA SER A 2 -8.41 -8.88 -8.81
C SER A 2 -7.38 -7.87 -8.30
N SER A 3 -7.31 -7.73 -6.99
CA SER A 3 -6.37 -6.79 -6.37
C SER A 3 -5.23 -7.53 -5.68
N SER A 4 -4.49 -8.32 -6.46
CA SER A 4 -3.37 -9.08 -5.92
C SER A 4 -2.39 -8.17 -5.21
N ARG A 5 -1.73 -8.71 -4.19
CA ARG A 5 -0.76 -7.94 -3.41
C ARG A 5 0.27 -7.28 -4.32
N SER A 6 0.63 -7.99 -5.40
CA SER A 6 1.60 -7.47 -6.35
C SER A 6 1.16 -6.12 -6.93
N VAL A 7 -0.16 -5.98 -7.11
CA VAL A 7 -0.72 -4.75 -7.65
C VAL A 7 -0.56 -3.60 -6.66
N ILE A 8 -0.96 -3.83 -5.42
CA ILE A 8 -0.86 -2.82 -4.37
C ILE A 8 0.58 -2.39 -4.17
N ARG A 9 1.46 -3.35 -3.90
CA ARG A 9 2.87 -3.07 -3.68
C ARG A 9 3.46 -2.33 -4.88
N SER A 10 3.00 -2.68 -6.07
CA SER A 10 3.50 -2.06 -7.29
C SER A 10 3.24 -0.56 -7.28
N ILE A 11 2.11 -0.16 -6.71
CA ILE A 11 1.74 1.24 -6.64
C ILE A 11 2.60 1.98 -5.62
N ILE A 12 2.89 1.31 -4.51
CA ILE A 12 3.70 1.90 -3.45
C ILE A 12 5.15 2.06 -3.89
N LYS A 13 5.75 0.95 -4.34
CA LYS A 13 7.14 0.97 -4.79
C LYS A 13 7.35 2.04 -5.86
N SER A 14 6.34 2.24 -6.70
CA SER A 14 6.41 3.23 -7.75
C SER A 14 6.12 4.63 -7.21
N SER A 15 5.20 4.70 -6.26
CA SER A 15 4.82 5.99 -5.66
C SER A 15 6.05 6.74 -5.17
N LYS A 16 6.01 8.06 -5.26
CA LYS A 16 7.11 8.90 -4.83
C LYS A 16 6.82 9.51 -3.46
N LEU A 17 6.12 8.76 -2.63
CA LEU A 17 5.79 9.24 -1.28
C LEU A 17 7.05 9.49 -0.46
N ASN A 18 7.68 8.40 -0.01
CA ASN A 18 8.90 8.51 0.79
C ASN A 18 9.61 7.16 0.86
N ILE A 19 10.94 7.21 0.94
CA ILE A 19 11.74 6.00 1.02
C ILE A 19 11.35 5.15 2.22
N ASP A 20 11.02 5.82 3.33
CA ASP A 20 10.62 5.13 4.54
C ASP A 20 9.16 4.69 4.47
N HIS A 21 8.32 5.57 3.96
CA HIS A 21 6.89 5.27 3.82
C HIS A 21 6.67 4.07 2.92
N LYS A 22 7.32 4.09 1.76
CA LYS A 22 7.19 2.99 0.80
C LYS A 22 7.70 1.68 1.39
N ASP A 23 8.90 1.72 1.96
CA ASP A 23 9.50 0.54 2.56
C ASP A 23 8.64 0.02 3.71
N TYR A 24 8.06 0.95 4.46
CA TYR A 24 7.22 0.58 5.60
C TYR A 24 5.90 -0.03 5.13
N LEU A 25 5.27 0.62 4.16
CA LEU A 25 4.00 0.14 3.62
C LEU A 25 4.18 -1.21 2.93
N LEU A 26 5.33 -1.38 2.28
CA LEU A 26 5.62 -2.63 1.57
C LEU A 26 6.05 -3.71 2.56
N ASP A 27 6.79 -3.32 3.59
CA ASP A 27 7.27 -4.25 4.60
C ASP A 27 6.10 -4.88 5.36
N LEU A 28 5.15 -4.04 5.77
CA LEU A 28 3.98 -4.51 6.50
C LEU A 28 3.02 -5.25 5.57
N LEU A 29 2.86 -4.74 4.35
CA LEU A 29 1.97 -5.36 3.37
C LEU A 29 2.37 -6.82 3.13
N ASN A 30 3.67 -7.10 3.16
CA ASN A 30 4.17 -8.44 2.94
C ASN A 30 3.82 -9.35 4.12
N ASP A 31 3.86 -8.78 5.32
CA ASP A 31 3.54 -9.54 6.53
C ASP A 31 2.11 -9.27 6.98
N VAL A 32 1.25 -8.92 6.03
CA VAL A 32 -0.15 -8.64 6.33
C VAL A 32 -0.88 -9.91 6.74
N LYS A 33 -1.63 -9.82 7.83
CA LYS A 33 -2.39 -10.96 8.34
C LYS A 33 -3.84 -10.58 8.61
N GLY A 34 -4.76 -11.20 7.89
CA GLY A 34 -6.17 -10.91 8.07
C GLY A 34 -6.75 -10.11 6.92
N SER A 35 -7.65 -10.73 6.16
CA SER A 35 -8.28 -10.06 5.03
C SER A 35 -8.87 -8.71 5.43
N LYS A 36 -9.50 -8.69 6.59
CA LYS A 36 -10.11 -7.46 7.11
C LYS A 36 -9.09 -6.35 7.21
N ASP A 37 -7.90 -6.68 7.72
CA ASP A 37 -6.83 -5.70 7.87
C ASP A 37 -6.23 -5.35 6.50
N LEU A 38 -6.14 -6.34 5.63
CA LEU A 38 -5.58 -6.14 4.30
C LEU A 38 -6.40 -5.12 3.51
N LYS A 39 -7.73 -5.27 3.56
CA LYS A 39 -8.62 -4.36 2.86
C LYS A 39 -8.51 -2.94 3.42
N GLU A 40 -8.49 -2.84 4.74
CA GLU A 40 -8.39 -1.54 5.39
C GLU A 40 -7.11 -0.81 4.98
N PHE A 41 -6.05 -1.58 4.78
CA PHE A 41 -4.77 -1.01 4.38
C PHE A 41 -4.90 -0.24 3.08
N HIS A 42 -5.73 -0.74 2.18
CA HIS A 42 -5.96 -0.09 0.88
C HIS A 42 -6.68 1.24 1.07
N LYS A 43 -7.60 1.27 2.02
CA LYS A 43 -8.37 2.49 2.30
C LYS A 43 -7.44 3.66 2.62
N MET A 44 -6.47 3.41 3.50
CA MET A 44 -5.52 4.45 3.89
C MET A 44 -4.50 4.70 2.78
N LEU A 45 -4.12 3.64 2.08
CA LEU A 45 -3.16 3.75 0.99
C LEU A 45 -3.60 4.78 -0.03
N THR A 46 -4.81 4.59 -0.57
CA THR A 46 -5.35 5.51 -1.56
C THR A 46 -5.46 6.92 -1.00
N ALA A 47 -5.78 7.03 0.29
CA ALA A 47 -5.91 8.32 0.94
C ALA A 47 -4.61 9.12 0.83
N ILE A 48 -3.49 8.45 0.99
CA ILE A 48 -2.19 9.10 0.90
C ILE A 48 -1.98 9.74 -0.45
N LEU A 49 -2.05 8.93 -1.50
CA LEU A 49 -1.87 9.42 -2.86
C LEU A 49 -2.95 10.45 -3.22
N ALA A 50 -4.15 10.22 -2.72
CA ALA A 50 -5.27 11.13 -2.97
C ALA A 50 -4.88 12.58 -2.65
N LYS A 51 -4.09 12.74 -1.60
CA LYS A 51 -3.65 14.07 -1.19
C LYS A 51 -2.46 14.55 -2.02
N GLN A 52 -1.63 13.60 -2.44
CA GLN A 52 -0.46 13.91 -3.25
C GLN A 52 -0.87 14.58 -4.56
N PRO A 53 0.08 15.27 -5.21
CA PRO A 53 -0.15 15.95 -6.48
C PRO A 53 -0.35 14.97 -7.63
N GLY A 1 -11.35 -6.67 -12.59
CA GLY A 1 -10.44 -6.15 -11.59
C GLY A 1 -9.93 -7.23 -10.65
N SER A 2 -8.63 -7.21 -10.37
CA SER A 2 -8.03 -8.19 -9.49
C SER A 2 -7.19 -7.52 -8.41
N SER A 3 -7.35 -7.96 -7.17
CA SER A 3 -6.60 -7.38 -6.05
C SER A 3 -5.42 -8.26 -5.69
N SER A 4 -4.34 -8.13 -6.45
CA SER A 4 -3.13 -8.91 -6.21
C SER A 4 -2.09 -8.08 -5.46
N ARG A 5 -1.40 -8.72 -4.52
CA ARG A 5 -0.38 -8.05 -3.72
C ARG A 5 0.63 -7.35 -4.62
N SER A 6 1.08 -8.05 -5.66
CA SER A 6 2.04 -7.49 -6.60
C SER A 6 1.58 -6.14 -7.13
N VAL A 7 0.27 -6.00 -7.31
CA VAL A 7 -0.31 -4.75 -7.80
C VAL A 7 -0.18 -3.64 -6.77
N ILE A 8 -0.62 -3.92 -5.54
CA ILE A 8 -0.55 -2.94 -4.47
C ILE A 8 0.88 -2.48 -4.23
N ARG A 9 1.77 -3.45 -4.01
CA ARG A 9 3.18 -3.15 -3.77
C ARG A 9 3.77 -2.37 -4.93
N SER A 10 3.33 -2.69 -6.14
CA SER A 10 3.82 -2.02 -7.34
C SER A 10 3.44 -0.54 -7.34
N ILE A 11 2.24 -0.25 -6.85
CA ILE A 11 1.75 1.13 -6.79
C ILE A 11 2.53 1.93 -5.77
N ILE A 12 2.91 1.30 -4.67
CA ILE A 12 3.65 1.95 -3.61
C ILE A 12 5.09 2.26 -4.05
N LYS A 13 5.79 1.23 -4.51
CA LYS A 13 7.17 1.40 -4.97
C LYS A 13 7.24 2.44 -6.07
N SER A 14 6.21 2.50 -6.90
CA SER A 14 6.17 3.46 -8.00
C SER A 14 5.75 4.84 -7.51
N SER A 15 4.85 4.86 -6.53
CA SER A 15 4.35 6.12 -5.97
C SER A 15 5.52 7.01 -5.55
N LYS A 16 5.24 8.30 -5.43
CA LYS A 16 6.26 9.27 -5.03
C LYS A 16 6.20 9.52 -3.53
N LEU A 17 5.88 8.50 -2.77
CA LEU A 17 5.80 8.61 -1.31
C LEU A 17 7.19 8.65 -0.69
N ASN A 18 7.27 9.16 0.54
CA ASN A 18 8.54 9.26 1.24
C ASN A 18 9.26 7.92 1.25
N ILE A 19 10.59 7.97 1.16
CA ILE A 19 11.41 6.77 1.16
C ILE A 19 11.05 5.86 2.33
N ASP A 20 10.72 6.47 3.46
CA ASP A 20 10.36 5.72 4.66
C ASP A 20 8.93 5.19 4.56
N HIS A 21 8.06 6.00 3.96
CA HIS A 21 6.66 5.63 3.81
C HIS A 21 6.51 4.44 2.87
N LYS A 22 7.24 4.47 1.76
CA LYS A 22 7.20 3.39 0.78
C LYS A 22 7.72 2.09 1.38
N ASP A 23 8.90 2.16 2.01
CA ASP A 23 9.50 0.99 2.62
C ASP A 23 8.63 0.47 3.77
N TYR A 24 8.01 1.39 4.50
CA TYR A 24 7.16 1.02 5.62
C TYR A 24 5.86 0.37 5.14
N LEU A 25 5.22 1.01 4.16
CA LEU A 25 3.98 0.49 3.60
C LEU A 25 4.19 -0.90 2.99
N LEU A 26 5.35 -1.11 2.39
CA LEU A 26 5.67 -2.39 1.76
C LEU A 26 6.12 -3.40 2.82
N ASP A 27 6.84 -2.93 3.83
CA ASP A 27 7.31 -3.79 4.90
C ASP A 27 6.15 -4.40 5.68
N LEU A 28 5.17 -3.56 6.02
CA LEU A 28 4.01 -4.01 6.76
C LEU A 28 3.08 -4.85 5.88
N LEU A 29 2.93 -4.42 4.63
CA LEU A 29 2.08 -5.13 3.68
C LEU A 29 2.54 -6.58 3.51
N ASN A 30 3.84 -6.78 3.55
CA ASN A 30 4.42 -8.11 3.41
C ASN A 30 4.09 -8.98 4.62
N ASP A 31 4.08 -8.36 5.80
CA ASP A 31 3.78 -9.08 7.03
C ASP A 31 2.33 -8.85 7.45
N VAL A 32 1.47 -8.56 6.47
CA VAL A 32 0.06 -8.33 6.75
C VAL A 32 -0.65 -9.62 7.12
N LYS A 33 -1.51 -9.55 8.13
CA LYS A 33 -2.26 -10.72 8.59
C LYS A 33 -3.73 -10.38 8.76
N GLY A 34 -4.59 -11.06 7.99
CA GLY A 34 -6.02 -10.82 8.08
C GLY A 34 -6.58 -10.20 6.82
N SER A 35 -7.46 -10.93 6.14
CA SER A 35 -8.07 -10.45 4.90
C SER A 35 -8.67 -9.06 5.11
N LYS A 36 -9.39 -8.90 6.21
CA LYS A 36 -10.03 -7.63 6.52
C LYS A 36 -8.99 -6.53 6.76
N ASP A 37 -7.88 -6.92 7.37
CA ASP A 37 -6.80 -5.98 7.66
C ASP A 37 -6.11 -5.53 6.37
N LEU A 38 -5.88 -6.48 5.48
CA LEU A 38 -5.23 -6.18 4.20
C LEU A 38 -6.05 -5.19 3.39
N LYS A 39 -7.38 -5.31 3.47
CA LYS A 39 -8.28 -4.43 2.74
C LYS A 39 -8.17 -3.00 3.27
N GLU A 40 -8.19 -2.85 4.59
CA GLU A 40 -8.10 -1.54 5.22
C GLU A 40 -6.84 -0.82 4.77
N PHE A 41 -5.76 -1.56 4.58
CA PHE A 41 -4.49 -0.99 4.15
C PHE A 41 -4.65 -0.24 2.83
N HIS A 42 -5.50 -0.77 1.95
CA HIS A 42 -5.75 -0.14 0.66
C HIS A 42 -6.53 1.16 0.82
N LYS A 43 -7.44 1.18 1.77
CA LYS A 43 -8.26 2.36 2.04
C LYS A 43 -7.38 3.56 2.36
N MET A 44 -6.37 3.35 3.21
CA MET A 44 -5.46 4.42 3.59
C MET A 44 -4.46 4.71 2.47
N LEU A 45 -4.04 3.66 1.78
CA LEU A 45 -3.08 3.81 0.69
C LEU A 45 -3.58 4.81 -0.35
N THR A 46 -4.79 4.57 -0.86
CA THR A 46 -5.38 5.46 -1.86
C THR A 46 -5.51 6.88 -1.32
N ALA A 47 -5.79 6.99 -0.03
CA ALA A 47 -5.94 8.30 0.60
C ALA A 47 -4.67 9.13 0.48
N ILE A 48 -3.52 8.45 0.55
CA ILE A 48 -2.23 9.11 0.44
C ILE A 48 -1.97 9.57 -0.99
N LEU A 49 -2.19 8.66 -1.94
CA LEU A 49 -1.99 8.97 -3.35
C LEU A 49 -2.73 10.25 -3.75
N ALA A 50 -3.90 10.44 -3.17
CA ALA A 50 -4.71 11.62 -3.46
C ALA A 50 -4.09 12.88 -2.85
N LYS A 51 -3.49 12.73 -1.68
CA LYS A 51 -2.84 13.84 -1.00
C LYS A 51 -1.65 14.36 -1.80
N GLN A 52 -0.97 13.46 -2.49
CA GLN A 52 0.18 13.82 -3.30
C GLN A 52 -0.15 14.98 -4.24
N PRO A 53 0.89 15.67 -4.72
CA PRO A 53 0.74 16.81 -5.64
C PRO A 53 0.25 16.37 -7.02
N GLY A 1 -5.26 -11.18 -9.84
CA GLY A 1 -6.47 -10.82 -10.54
C GLY A 1 -7.28 -9.78 -9.81
N SER A 2 -7.71 -10.11 -8.59
CA SER A 2 -8.50 -9.19 -7.78
C SER A 2 -7.73 -8.75 -6.55
N SER A 3 -7.31 -7.49 -6.55
CA SER A 3 -6.55 -6.94 -5.43
C SER A 3 -5.30 -7.77 -5.15
N SER A 4 -4.50 -7.99 -6.19
CA SER A 4 -3.27 -8.77 -6.06
C SER A 4 -2.20 -7.99 -5.31
N ARG A 5 -1.52 -8.65 -4.38
CA ARG A 5 -0.47 -8.02 -3.60
C ARG A 5 0.54 -7.32 -4.51
N SER A 6 0.98 -8.03 -5.55
CA SER A 6 1.96 -7.49 -6.48
C SER A 6 1.50 -6.12 -7.01
N VAL A 7 0.19 -5.98 -7.18
CA VAL A 7 -0.39 -4.74 -7.69
C VAL A 7 -0.22 -3.61 -6.67
N ILE A 8 -0.67 -3.85 -5.44
CA ILE A 8 -0.58 -2.86 -4.38
C ILE A 8 0.87 -2.44 -4.16
N ARG A 9 1.74 -3.42 -3.91
CA ARG A 9 3.15 -3.15 -3.68
C ARG A 9 3.76 -2.40 -4.87
N SER A 10 3.30 -2.73 -6.06
CA SER A 10 3.81 -2.09 -7.28
C SER A 10 3.51 -0.60 -7.27
N ILE A 11 2.34 -0.24 -6.74
CA ILE A 11 1.93 1.16 -6.67
C ILE A 11 2.76 1.92 -5.65
N ILE A 12 3.10 1.26 -4.55
CA ILE A 12 3.90 1.87 -3.50
C ILE A 12 5.33 2.12 -3.95
N LYS A 13 5.98 1.05 -4.42
CA LYS A 13 7.36 1.16 -4.89
C LYS A 13 7.48 2.20 -5.99
N SER A 14 6.44 2.32 -6.81
CA SER A 14 6.44 3.28 -7.90
C SER A 14 6.09 4.68 -7.39
N SER A 15 5.20 4.74 -6.41
CA SER A 15 4.77 6.01 -5.83
C SER A 15 5.98 6.85 -5.43
N LYS A 16 5.73 8.11 -5.09
CA LYS A 16 6.79 9.03 -4.68
C LYS A 16 6.47 9.65 -3.33
N LEU A 17 5.82 8.89 -2.46
CA LEU A 17 5.46 9.37 -1.14
C LEU A 17 6.70 9.67 -0.30
N ASN A 18 7.36 8.62 0.16
CA ASN A 18 8.57 8.76 0.97
C ASN A 18 9.37 7.46 1.00
N ILE A 19 10.68 7.57 0.90
CA ILE A 19 11.56 6.40 0.91
C ILE A 19 11.27 5.52 2.12
N ASP A 20 10.92 6.15 3.24
CA ASP A 20 10.61 5.42 4.47
C ASP A 20 9.19 4.88 4.43
N HIS A 21 8.26 5.70 3.95
CA HIS A 21 6.86 5.30 3.86
C HIS A 21 6.69 4.08 2.96
N LYS A 22 7.41 4.09 1.83
CA LYS A 22 7.34 2.99 0.88
C LYS A 22 7.83 1.69 1.52
N ASP A 23 9.00 1.75 2.15
CA ASP A 23 9.57 0.58 2.80
C ASP A 23 8.65 0.06 3.90
N TYR A 24 8.01 0.99 4.60
CA TYR A 24 7.10 0.63 5.69
C TYR A 24 5.83 -0.01 5.15
N LEU A 25 5.19 0.66 4.21
CA LEU A 25 3.96 0.15 3.61
C LEU A 25 4.19 -1.21 2.96
N LEU A 26 5.37 -1.39 2.39
CA LEU A 26 5.72 -2.66 1.75
C LEU A 26 6.12 -3.71 2.78
N ASP A 27 6.79 -3.26 3.83
CA ASP A 27 7.23 -4.16 4.89
C ASP A 27 6.03 -4.75 5.64
N LEU A 28 5.08 -3.90 5.97
CA LEU A 28 3.88 -4.34 6.68
C LEU A 28 2.96 -5.13 5.76
N LEU A 29 2.85 -4.68 4.52
CA LEU A 29 2.01 -5.36 3.53
C LEU A 29 2.41 -6.82 3.38
N ASN A 30 3.71 -7.08 3.47
CA ASN A 30 4.24 -8.44 3.33
C ASN A 30 3.89 -9.28 4.56
N ASP A 31 3.91 -8.63 5.72
CA ASP A 31 3.61 -9.32 6.97
C ASP A 31 2.16 -9.07 7.39
N VAL A 32 1.31 -8.80 6.41
CA VAL A 32 -0.11 -8.54 6.67
C VAL A 32 -0.84 -9.82 7.02
N LYS A 33 -1.80 -9.72 7.93
CA LYS A 33 -2.59 -10.87 8.35
C LYS A 33 -4.05 -10.49 8.58
N GLY A 34 -4.94 -11.03 7.76
CA GLY A 34 -6.35 -10.74 7.89
C GLY A 34 -6.90 -10.02 6.67
N SER A 35 -8.05 -10.49 6.18
CA SER A 35 -8.68 -9.88 5.01
C SER A 35 -9.00 -8.42 5.27
N LYS A 36 -9.57 -8.13 6.43
CA LYS A 36 -9.93 -6.77 6.79
C LYS A 36 -8.69 -5.86 6.82
N ASP A 37 -7.57 -6.42 7.24
CA ASP A 37 -6.32 -5.68 7.30
C ASP A 37 -5.78 -5.40 5.90
N LEU A 38 -5.97 -6.35 5.01
CA LEU A 38 -5.51 -6.21 3.62
C LEU A 38 -6.38 -5.22 2.86
N LYS A 39 -7.67 -5.23 3.15
CA LYS A 39 -8.62 -4.34 2.49
C LYS A 39 -8.49 -2.92 3.03
N GLU A 40 -8.52 -2.78 4.36
CA GLU A 40 -8.41 -1.48 4.99
C GLU A 40 -7.13 -0.77 4.57
N PHE A 41 -6.07 -1.55 4.34
CA PHE A 41 -4.79 -1.00 3.94
C PHE A 41 -4.93 -0.20 2.65
N HIS A 42 -5.80 -0.67 1.75
CA HIS A 42 -6.03 0.00 0.48
C HIS A 42 -6.75 1.33 0.69
N LYS A 43 -7.66 1.36 1.66
CA LYS A 43 -8.42 2.56 1.96
C LYS A 43 -7.50 3.71 2.36
N MET A 44 -6.58 3.44 3.28
CA MET A 44 -5.63 4.45 3.73
C MET A 44 -4.65 4.81 2.62
N LEU A 45 -4.21 3.80 1.87
CA LEU A 45 -3.27 4.02 0.78
C LEU A 45 -3.83 5.02 -0.24
N THR A 46 -5.09 4.83 -0.62
CA THR A 46 -5.75 5.70 -1.59
C THR A 46 -5.80 7.13 -1.07
N ALA A 47 -5.99 7.28 0.24
CA ALA A 47 -6.07 8.59 0.87
C ALA A 47 -4.73 9.31 0.78
N ILE A 48 -3.66 8.61 1.15
CA ILE A 48 -2.32 9.20 1.11
C ILE A 48 -2.02 9.79 -0.26
N LEU A 49 -2.05 8.95 -1.28
CA LEU A 49 -1.78 9.39 -2.64
C LEU A 49 -2.79 10.45 -3.09
N ALA A 50 -4.03 10.29 -2.64
CA ALA A 50 -5.09 11.24 -2.99
C ALA A 50 -4.68 12.66 -2.65
N LYS A 51 -3.94 12.83 -1.56
CA LYS A 51 -3.48 14.14 -1.14
C LYS A 51 -2.35 14.64 -2.02
N GLN A 52 -1.54 13.71 -2.51
CA GLN A 52 -0.42 14.06 -3.38
C GLN A 52 -0.91 14.69 -4.68
N PRO A 53 -0.01 15.40 -5.37
CA PRO A 53 -0.32 16.05 -6.64
C PRO A 53 -0.54 15.06 -7.77
N GLY A 1 -12.03 -6.81 -11.20
CA GLY A 1 -10.79 -7.47 -11.59
C GLY A 1 -10.13 -8.19 -10.43
N SER A 2 -8.80 -8.10 -10.37
CA SER A 2 -8.04 -8.75 -9.30
C SER A 2 -7.17 -7.73 -8.56
N SER A 3 -6.98 -7.97 -7.26
CA SER A 3 -6.18 -7.09 -6.43
C SER A 3 -5.03 -7.84 -5.79
N SER A 4 -4.12 -8.36 -6.63
CA SER A 4 -2.97 -9.11 -6.13
C SER A 4 -1.99 -8.20 -5.42
N ARG A 5 -1.31 -8.74 -4.41
CA ARG A 5 -0.35 -7.96 -3.63
C ARG A 5 0.66 -7.29 -4.56
N SER A 6 1.02 -7.96 -5.64
CA SER A 6 1.98 -7.43 -6.60
C SER A 6 1.52 -6.07 -7.13
N VAL A 7 0.20 -5.93 -7.29
CA VAL A 7 -0.37 -4.68 -7.79
C VAL A 7 -0.21 -3.56 -6.77
N ILE A 8 -0.64 -3.82 -5.54
CA ILE A 8 -0.55 -2.83 -4.47
C ILE A 8 0.90 -2.39 -4.26
N ARG A 9 1.78 -3.35 -4.02
CA ARG A 9 3.19 -3.06 -3.80
C ARG A 9 3.76 -2.25 -4.96
N SER A 10 3.29 -2.54 -6.16
CA SER A 10 3.76 -1.84 -7.35
C SER A 10 3.40 -0.36 -7.30
N ILE A 11 2.23 -0.07 -6.74
CA ILE A 11 1.77 1.32 -6.62
C ILE A 11 2.59 2.08 -5.58
N ILE A 12 2.98 1.39 -4.52
CA ILE A 12 3.77 2.01 -3.46
C ILE A 12 5.19 2.30 -3.94
N LYS A 13 5.87 1.27 -4.43
CA LYS A 13 7.23 1.42 -4.92
C LYS A 13 7.30 2.46 -6.03
N SER A 14 6.24 2.55 -6.83
CA SER A 14 6.18 3.51 -7.92
C SER A 14 5.80 4.89 -7.41
N SER A 15 4.95 4.94 -6.40
CA SER A 15 4.51 6.20 -5.82
C SER A 15 5.70 7.08 -5.47
N LYS A 16 5.43 8.34 -5.15
CA LYS A 16 6.48 9.29 -4.80
C LYS A 16 6.28 9.81 -3.38
N LEU A 17 5.77 8.95 -2.50
CA LEU A 17 5.53 9.33 -1.11
C LEU A 17 6.84 9.68 -0.42
N ASN A 18 7.63 8.65 -0.09
CA ASN A 18 8.90 8.85 0.58
C ASN A 18 9.67 7.54 0.70
N ILE A 19 11.00 7.63 0.69
CA ILE A 19 11.84 6.44 0.80
C ILE A 19 11.53 5.66 2.07
N ASP A 20 11.23 6.38 3.14
CA ASP A 20 10.91 5.75 4.42
C ASP A 20 9.45 5.28 4.44
N HIS A 21 8.55 6.12 3.96
CA HIS A 21 7.13 5.79 3.93
C HIS A 21 6.89 4.52 3.11
N LYS A 22 7.40 4.52 1.87
CA LYS A 22 7.24 3.38 0.99
C LYS A 22 7.75 2.10 1.65
N ASP A 23 8.94 2.17 2.24
CA ASP A 23 9.53 1.03 2.90
C ASP A 23 8.63 0.52 4.02
N TYR A 24 7.98 1.45 4.71
CA TYR A 24 7.08 1.09 5.80
C TYR A 24 5.82 0.41 5.28
N LEU A 25 5.16 1.04 4.32
CA LEU A 25 3.95 0.49 3.73
C LEU A 25 4.20 -0.89 3.13
N LEU A 26 5.39 -1.06 2.55
CA LEU A 26 5.76 -2.34 1.94
C LEU A 26 6.20 -3.34 3.01
N ASP A 27 6.86 -2.85 4.04
CA ASP A 27 7.32 -3.71 5.13
C ASP A 27 6.15 -4.38 5.83
N LEU A 28 5.12 -3.59 6.13
CA LEU A 28 3.94 -4.10 6.82
C LEU A 28 3.07 -4.90 5.86
N LEU A 29 2.95 -4.42 4.62
CA LEU A 29 2.15 -5.09 3.60
C LEU A 29 2.63 -6.52 3.39
N ASN A 30 3.94 -6.72 3.49
CA ASN A 30 4.53 -8.04 3.31
C ASN A 30 4.14 -8.97 4.46
N ASP A 31 4.06 -8.41 5.67
CA ASP A 31 3.70 -9.19 6.84
C ASP A 31 2.24 -8.93 7.24
N VAL A 32 1.43 -8.56 6.25
CA VAL A 32 0.02 -8.28 6.50
C VAL A 32 -0.71 -9.53 6.99
N LYS A 33 -1.45 -9.39 8.08
CA LYS A 33 -2.21 -10.51 8.64
C LYS A 33 -3.67 -10.13 8.85
N GLY A 34 -4.56 -10.82 8.14
CA GLY A 34 -5.98 -10.54 8.27
C GLY A 34 -6.57 -9.93 7.01
N SER A 35 -7.64 -10.52 6.51
CA SER A 35 -8.30 -10.03 5.31
C SER A 35 -8.75 -8.58 5.48
N LYS A 36 -9.35 -8.29 6.63
CA LYS A 36 -9.83 -6.94 6.92
C LYS A 36 -8.67 -5.95 6.93
N ASP A 37 -7.56 -6.36 7.52
CA ASP A 37 -6.37 -5.51 7.59
C ASP A 37 -5.78 -5.28 6.21
N LEU A 38 -5.84 -6.30 5.37
CA LEU A 38 -5.31 -6.20 4.02
C LEU A 38 -6.22 -5.37 3.12
N LYS A 39 -7.52 -5.48 3.35
CA LYS A 39 -8.50 -4.73 2.56
C LYS A 39 -8.54 -3.28 3.02
N GLU A 40 -8.63 -3.06 4.32
CA GLU A 40 -8.68 -1.72 4.88
C GLU A 40 -7.42 -0.94 4.54
N PHE A 41 -6.29 -1.64 4.49
CA PHE A 41 -5.01 -1.02 4.18
C PHE A 41 -5.07 -0.31 2.83
N HIS A 42 -5.80 -0.90 1.89
CA HIS A 42 -5.93 -0.34 0.56
C HIS A 42 -6.76 0.95 0.59
N LYS A 43 -7.76 0.98 1.46
CA LYS A 43 -8.63 2.14 1.60
C LYS A 43 -7.82 3.38 1.95
N MET A 44 -6.87 3.22 2.86
CA MET A 44 -6.02 4.34 3.29
C MET A 44 -4.92 4.59 2.28
N LEU A 45 -4.38 3.51 1.70
CA LEU A 45 -3.31 3.62 0.71
C LEU A 45 -3.70 4.59 -0.40
N THR A 46 -4.87 4.38 -0.97
CA THR A 46 -5.36 5.24 -2.04
C THR A 46 -5.53 6.67 -1.57
N ALA A 47 -5.95 6.84 -0.32
CA ALA A 47 -6.14 8.16 0.25
C ALA A 47 -4.83 8.94 0.32
N ILE A 48 -3.78 8.26 0.77
CA ILE A 48 -2.47 8.89 0.88
C ILE A 48 -2.06 9.54 -0.44
N LEU A 49 -2.07 8.75 -1.50
CA LEU A 49 -1.70 9.25 -2.83
C LEU A 49 -2.72 10.27 -3.33
N ALA A 50 -3.99 10.05 -3.00
CA ALA A 50 -5.05 10.94 -3.41
C ALA A 50 -4.73 12.39 -3.04
N LYS A 51 -4.47 12.62 -1.77
CA LYS A 51 -4.15 13.96 -1.28
C LYS A 51 -2.83 14.45 -1.87
N GLN A 52 -1.91 13.51 -2.10
CA GLN A 52 -0.61 13.84 -2.65
C GLN A 52 -0.75 14.48 -4.04
N PRO A 53 0.30 15.18 -4.47
CA PRO A 53 0.32 15.85 -5.78
C PRO A 53 0.37 14.86 -6.94
N GLY A 1 -5.43 -9.76 -12.14
CA GLY A 1 -4.84 -9.18 -10.96
C GLY A 1 -5.64 -7.98 -10.44
N SER A 2 -6.81 -8.26 -9.88
CA SER A 2 -7.67 -7.20 -9.35
C SER A 2 -7.23 -6.80 -7.95
N SER A 3 -6.47 -5.72 -7.86
CA SER A 3 -5.98 -5.22 -6.58
C SER A 3 -5.28 -6.34 -5.80
N SER A 4 -4.32 -6.98 -6.44
CA SER A 4 -3.58 -8.07 -5.81
C SER A 4 -2.39 -7.53 -5.02
N ARG A 5 -1.83 -8.36 -4.14
CA ARG A 5 -0.70 -7.97 -3.33
C ARG A 5 0.42 -7.38 -4.19
N SER A 6 0.81 -8.12 -5.22
CA SER A 6 1.87 -7.68 -6.12
C SER A 6 1.50 -6.37 -6.79
N VAL A 7 0.22 -6.21 -7.11
CA VAL A 7 -0.28 -4.99 -7.75
C VAL A 7 -0.23 -3.81 -6.80
N ILE A 8 -0.53 -4.06 -5.53
CA ILE A 8 -0.53 -3.01 -4.51
C ILE A 8 0.89 -2.55 -4.20
N ARG A 9 1.75 -3.51 -3.84
CA ARG A 9 3.13 -3.21 -3.51
C ARG A 9 3.81 -2.45 -4.66
N SER A 10 3.48 -2.83 -5.89
CA SER A 10 4.05 -2.19 -7.07
C SER A 10 3.69 -0.71 -7.11
N ILE A 11 2.45 -0.39 -6.76
CA ILE A 11 1.99 0.99 -6.76
C ILE A 11 2.73 1.82 -5.71
N ILE A 12 3.02 1.19 -4.57
CA ILE A 12 3.73 1.86 -3.49
C ILE A 12 5.17 2.20 -3.90
N LYS A 13 5.91 1.19 -4.31
CA LYS A 13 7.28 1.37 -4.74
C LYS A 13 7.38 2.41 -5.85
N SER A 14 6.36 2.47 -6.69
CA SER A 14 6.32 3.42 -7.79
C SER A 14 5.91 4.80 -7.31
N SER A 15 5.02 4.84 -6.32
CA SER A 15 4.53 6.10 -5.78
C SER A 15 5.69 7.01 -5.39
N LYS A 16 5.38 8.27 -5.10
CA LYS A 16 6.40 9.24 -4.71
C LYS A 16 6.17 9.73 -3.29
N LEU A 17 5.66 8.85 -2.44
CA LEU A 17 5.39 9.19 -1.05
C LEU A 17 6.69 9.54 -0.31
N ASN A 18 7.47 8.51 0.01
CA ASN A 18 8.74 8.71 0.71
C ASN A 18 9.52 7.40 0.79
N ILE A 19 10.84 7.52 0.66
CA ILE A 19 11.71 6.35 0.71
C ILE A 19 11.43 5.50 1.94
N ASP A 20 11.11 6.17 3.05
CA ASP A 20 10.82 5.48 4.30
C ASP A 20 9.38 4.96 4.31
N HIS A 21 8.45 5.80 3.88
CA HIS A 21 7.04 5.42 3.83
C HIS A 21 6.84 4.17 2.98
N LYS A 22 7.39 4.19 1.77
CA LYS A 22 7.27 3.06 0.85
C LYS A 22 7.73 1.77 1.53
N ASP A 23 8.91 1.82 2.12
CA ASP A 23 9.48 0.65 2.81
C ASP A 23 8.52 0.15 3.89
N TYR A 24 7.88 1.07 4.59
CA TYR A 24 6.95 0.73 5.65
C TYR A 24 5.69 0.11 5.08
N LEU A 25 5.12 0.74 4.06
CA LEU A 25 3.90 0.25 3.42
C LEU A 25 4.14 -1.11 2.77
N LEU A 26 5.33 -1.29 2.20
CA LEU A 26 5.69 -2.54 1.56
C LEU A 26 6.05 -3.61 2.58
N ASP A 27 6.69 -3.19 3.66
CA ASP A 27 7.09 -4.11 4.72
C ASP A 27 5.86 -4.72 5.40
N LEU A 28 4.89 -3.87 5.73
CA LEU A 28 3.66 -4.32 6.37
C LEU A 28 2.77 -5.07 5.39
N LEU A 29 2.70 -4.56 4.16
CA LEU A 29 1.88 -5.19 3.13
C LEU A 29 2.29 -6.63 2.89
N ASN A 30 3.59 -6.90 3.01
CA ASN A 30 4.11 -8.24 2.81
C ASN A 30 3.78 -9.14 4.00
N ASP A 31 3.79 -8.55 5.20
CA ASP A 31 3.49 -9.30 6.41
C ASP A 31 2.02 -9.12 6.81
N VAL A 32 1.17 -8.84 5.82
CA VAL A 32 -0.25 -8.64 6.06
C VAL A 32 -0.93 -9.96 6.38
N LYS A 33 -1.82 -9.94 7.38
CA LYS A 33 -2.55 -11.13 7.78
C LYS A 33 -3.99 -10.79 8.15
N GLY A 34 -4.93 -11.32 7.39
CA GLY A 34 -6.34 -11.06 7.66
C GLY A 34 -6.99 -10.23 6.57
N SER A 35 -8.10 -10.72 6.03
CA SER A 35 -8.81 -10.02 4.97
C SER A 35 -9.11 -8.58 5.37
N LYS A 36 -9.47 -8.38 6.63
CA LYS A 36 -9.77 -7.06 7.15
C LYS A 36 -8.54 -6.15 7.11
N ASP A 37 -7.38 -6.74 7.41
CA ASP A 37 -6.13 -5.99 7.38
C ASP A 37 -5.74 -5.62 5.97
N LEU A 38 -5.97 -6.53 5.03
CA LEU A 38 -5.63 -6.29 3.63
C LEU A 38 -6.50 -5.19 3.04
N LYS A 39 -7.81 -5.32 3.22
CA LYS A 39 -8.75 -4.32 2.71
C LYS A 39 -8.54 -2.98 3.39
N GLU A 40 -8.35 -3.01 4.71
CA GLU A 40 -8.13 -1.79 5.48
C GLU A 40 -6.94 -1.01 4.95
N PHE A 41 -5.92 -1.74 4.50
CA PHE A 41 -4.71 -1.12 3.97
C PHE A 41 -5.05 -0.18 2.80
N HIS A 42 -5.86 -0.67 1.87
CA HIS A 42 -6.25 0.10 0.71
C HIS A 42 -7.00 1.37 1.14
N LYS A 43 -7.76 1.26 2.22
CA LYS A 43 -8.52 2.40 2.74
C LYS A 43 -7.59 3.53 3.14
N MET A 44 -6.57 3.21 3.92
CA MET A 44 -5.61 4.21 4.39
C MET A 44 -4.69 4.63 3.25
N LEU A 45 -4.35 3.68 2.38
CA LEU A 45 -3.47 3.97 1.24
C LEU A 45 -4.13 4.92 0.27
N THR A 46 -5.41 4.67 -0.03
CA THR A 46 -6.16 5.52 -0.95
C THR A 46 -6.18 6.97 -0.48
N ALA A 47 -6.23 7.17 0.83
CA ALA A 47 -6.24 8.51 1.40
C ALA A 47 -4.91 9.20 1.19
N ILE A 48 -3.82 8.46 1.38
CA ILE A 48 -2.48 9.01 1.21
C ILE A 48 -2.24 9.47 -0.23
N LEU A 49 -2.42 8.55 -1.17
CA LEU A 49 -2.23 8.86 -2.59
C LEU A 49 -3.18 9.97 -3.04
N ALA A 50 -4.39 9.96 -2.48
CA ALA A 50 -5.39 10.96 -2.82
C ALA A 50 -4.83 12.38 -2.65
N LYS A 51 -3.98 12.55 -1.64
CA LYS A 51 -3.37 13.85 -1.38
C LYS A 51 -2.28 14.16 -2.40
N GLN A 52 -1.60 13.12 -2.86
CA GLN A 52 -0.52 13.28 -3.83
C GLN A 52 -1.06 13.85 -5.14
N PRO A 53 -0.16 14.41 -5.96
CA PRO A 53 -0.52 15.01 -7.25
C PRO A 53 -0.93 13.95 -8.28
N GLY A 1 -5.05 -12.26 -11.57
CA GLY A 1 -5.39 -11.43 -10.43
C GLY A 1 -5.44 -9.96 -10.78
N SER A 2 -6.37 -9.23 -10.16
CA SER A 2 -6.53 -7.81 -10.42
C SER A 2 -6.14 -6.99 -9.18
N SER A 3 -6.63 -7.43 -8.03
CA SER A 3 -6.34 -6.74 -6.77
C SER A 3 -5.39 -7.55 -5.90
N SER A 4 -4.44 -8.22 -6.55
CA SER A 4 -3.46 -9.04 -5.85
C SER A 4 -2.45 -8.17 -5.11
N ARG A 5 -1.86 -8.73 -4.06
CA ARG A 5 -0.87 -7.99 -3.27
C ARG A 5 0.22 -7.41 -4.17
N SER A 6 0.57 -8.15 -5.22
CA SER A 6 1.61 -7.70 -6.15
C SER A 6 1.27 -6.32 -6.70
N VAL A 7 -0.02 -6.07 -6.91
CA VAL A 7 -0.46 -4.79 -7.45
C VAL A 7 -0.27 -3.67 -6.43
N ILE A 8 -0.77 -3.90 -5.21
CA ILE A 8 -0.65 -2.90 -4.16
C ILE A 8 0.81 -2.55 -3.90
N ARG A 9 1.63 -3.56 -3.63
CA ARG A 9 3.05 -3.35 -3.38
C ARG A 9 3.70 -2.58 -4.53
N SER A 10 3.24 -2.85 -5.74
CA SER A 10 3.79 -2.20 -6.93
C SER A 10 3.46 -0.71 -6.92
N ILE A 11 2.27 -0.38 -6.44
CA ILE A 11 1.83 1.01 -6.37
C ILE A 11 2.62 1.79 -5.33
N ILE A 12 2.97 1.11 -4.24
CA ILE A 12 3.74 1.75 -3.16
C ILE A 12 5.15 2.07 -3.61
N LYS A 13 5.86 1.06 -4.12
CA LYS A 13 7.22 1.22 -4.59
C LYS A 13 7.29 2.27 -5.70
N SER A 14 6.24 2.34 -6.50
CA SER A 14 6.18 3.30 -7.61
C SER A 14 5.79 4.68 -7.10
N SER A 15 4.94 4.73 -6.08
CA SER A 15 4.49 5.99 -5.51
C SER A 15 5.68 6.88 -5.17
N LYS A 16 5.43 8.19 -5.11
CA LYS A 16 6.47 9.16 -4.79
C LYS A 16 6.35 9.64 -3.35
N LEU A 17 5.93 8.75 -2.47
CA LEU A 17 5.77 9.08 -1.06
C LEU A 17 7.12 9.41 -0.43
N ASN A 18 7.91 8.37 -0.18
CA ASN A 18 9.23 8.55 0.42
C ASN A 18 9.97 7.22 0.50
N ILE A 19 11.30 7.27 0.41
CA ILE A 19 12.12 6.08 0.46
C ILE A 19 11.87 5.30 1.75
N ASP A 20 11.68 6.02 2.85
CA ASP A 20 11.42 5.41 4.14
C ASP A 20 9.96 4.98 4.26
N HIS A 21 9.06 5.87 3.88
CA HIS A 21 7.62 5.59 3.95
C HIS A 21 7.29 4.34 3.14
N LYS A 22 7.71 4.33 1.88
CA LYS A 22 7.46 3.19 1.00
C LYS A 22 7.91 1.88 1.65
N ASP A 23 9.11 1.89 2.19
CA ASP A 23 9.66 0.70 2.85
C ASP A 23 8.74 0.22 3.95
N TYR A 24 8.11 1.16 4.65
CA TYR A 24 7.21 0.82 5.74
C TYR A 24 5.92 0.20 5.21
N LEU A 25 5.28 0.89 4.26
CA LEU A 25 4.04 0.41 3.67
C LEU A 25 4.23 -0.98 3.07
N LEU A 26 5.40 -1.22 2.50
CA LEU A 26 5.71 -2.51 1.88
C LEU A 26 6.11 -3.53 2.95
N ASP A 27 6.79 -3.07 3.98
CA ASP A 27 7.23 -3.94 5.07
C ASP A 27 6.04 -4.48 5.84
N LEU A 28 5.10 -3.60 6.16
CA LEU A 28 3.91 -4.00 6.91
C LEU A 28 2.97 -4.84 6.04
N LEU A 29 2.87 -4.46 4.76
CA LEU A 29 2.01 -5.18 3.83
C LEU A 29 2.55 -6.58 3.57
N ASN A 30 3.87 -6.71 3.57
CA ASN A 30 4.51 -8.01 3.34
C ASN A 30 4.11 -9.02 4.42
N ASP A 31 3.97 -8.52 5.65
CA ASP A 31 3.59 -9.37 6.77
C ASP A 31 2.13 -9.16 7.14
N VAL A 32 1.32 -8.76 6.16
CA VAL A 32 -0.10 -8.52 6.38
C VAL A 32 -0.83 -9.82 6.70
N LYS A 33 -1.70 -9.78 7.70
CA LYS A 33 -2.46 -10.96 8.10
C LYS A 33 -3.92 -10.60 8.35
N GLY A 34 -4.83 -11.17 7.56
CA GLY A 34 -6.24 -10.90 7.72
C GLY A 34 -6.81 -10.08 6.57
N SER A 35 -7.83 -10.62 5.92
CA SER A 35 -8.46 -9.94 4.79
C SER A 35 -8.86 -8.52 5.17
N LYS A 36 -9.29 -8.35 6.41
CA LYS A 36 -9.70 -7.04 6.91
C LYS A 36 -8.57 -6.03 6.78
N ASP A 37 -7.37 -6.42 7.20
CA ASP A 37 -6.20 -5.55 7.13
C ASP A 37 -5.79 -5.32 5.68
N LEU A 38 -5.84 -6.37 4.87
CA LEU A 38 -5.47 -6.27 3.47
C LEU A 38 -6.38 -5.29 2.74
N LYS A 39 -7.69 -5.41 2.97
CA LYS A 39 -8.66 -4.53 2.34
C LYS A 39 -8.61 -3.13 2.95
N GLU A 40 -8.68 -3.06 4.27
CA GLU A 40 -8.63 -1.79 4.97
C GLU A 40 -7.37 -1.00 4.61
N PHE A 41 -6.27 -1.72 4.40
CA PHE A 41 -5.00 -1.10 4.05
C PHE A 41 -5.15 -0.26 2.78
N HIS A 42 -5.96 -0.73 1.85
CA HIS A 42 -6.19 -0.03 0.60
C HIS A 42 -6.97 1.26 0.83
N LYS A 43 -7.90 1.22 1.77
CA LYS A 43 -8.71 2.39 2.09
C LYS A 43 -7.82 3.58 2.45
N MET A 44 -6.80 3.33 3.25
CA MET A 44 -5.88 4.39 3.66
C MET A 44 -4.87 4.69 2.57
N LEU A 45 -4.42 3.64 1.89
CA LEU A 45 -3.44 3.79 0.81
C LEU A 45 -3.90 4.81 -0.21
N THR A 46 -5.10 4.61 -0.77
CA THR A 46 -5.64 5.52 -1.76
C THR A 46 -5.71 6.95 -1.21
N ALA A 47 -5.98 7.06 0.08
CA ALA A 47 -6.07 8.37 0.72
C ALA A 47 -4.73 9.11 0.68
N ILE A 48 -3.65 8.34 0.80
CA ILE A 48 -2.31 8.91 0.76
C ILE A 48 -2.05 9.63 -0.55
N LEU A 49 -2.16 8.90 -1.65
CA LEU A 49 -1.94 9.47 -2.98
C LEU A 49 -3.04 10.47 -3.33
N ALA A 50 -4.27 10.17 -2.90
CA ALA A 50 -5.40 11.05 -3.16
C ALA A 50 -5.10 12.48 -2.75
N LYS A 51 -4.35 12.64 -1.68
CA LYS A 51 -3.98 13.96 -1.18
C LYS A 51 -2.71 14.46 -1.86
N GLN A 52 -1.82 13.54 -2.20
CA GLN A 52 -0.56 13.90 -2.86
C GLN A 52 -0.83 14.74 -4.11
N PRO A 53 0.21 15.45 -4.56
CA PRO A 53 0.12 16.31 -5.75
C PRO A 53 -0.01 15.50 -7.03
N GLY A 1 -10.84 -8.88 -12.26
CA GLY A 1 -10.82 -7.81 -11.28
C GLY A 1 -10.27 -8.27 -9.94
N SER A 2 -9.00 -8.67 -9.94
CA SER A 2 -8.36 -9.12 -8.71
C SER A 2 -7.30 -8.13 -8.24
N SER A 3 -7.27 -7.87 -6.94
CA SER A 3 -6.30 -6.94 -6.36
C SER A 3 -5.11 -7.68 -5.77
N SER A 4 -4.30 -8.27 -6.65
CA SER A 4 -3.13 -9.02 -6.22
C SER A 4 -2.16 -8.12 -5.46
N ARG A 5 -1.49 -8.68 -4.45
CA ARG A 5 -0.54 -7.92 -3.65
C ARG A 5 0.47 -7.22 -4.54
N SER A 6 0.86 -7.88 -5.62
CA SER A 6 1.83 -7.33 -6.56
C SER A 6 1.37 -5.97 -7.09
N VAL A 7 0.06 -5.83 -7.27
CA VAL A 7 -0.52 -4.59 -7.77
C VAL A 7 -0.38 -3.48 -6.74
N ILE A 8 -0.82 -3.76 -5.52
CA ILE A 8 -0.75 -2.77 -4.44
C ILE A 8 0.69 -2.32 -4.21
N ARG A 9 1.58 -3.29 -3.98
CA ARG A 9 2.99 -2.98 -3.73
C ARG A 9 3.58 -2.18 -4.90
N SER A 10 3.13 -2.50 -6.11
CA SER A 10 3.61 -1.81 -7.31
C SER A 10 3.32 -0.32 -7.23
N ILE A 11 2.16 0.02 -6.68
CA ILE A 11 1.76 1.41 -6.55
C ILE A 11 2.61 2.14 -5.49
N ILE A 12 2.91 1.44 -4.41
CA ILE A 12 3.72 2.01 -3.34
C ILE A 12 5.16 2.22 -3.78
N LYS A 13 5.79 1.14 -4.25
CA LYS A 13 7.17 1.20 -4.70
C LYS A 13 7.35 2.30 -5.74
N SER A 14 6.34 2.50 -6.58
CA SER A 14 6.39 3.52 -7.62
C SER A 14 6.07 4.89 -7.04
N SER A 15 5.15 4.93 -6.08
CA SER A 15 4.74 6.18 -5.45
C SER A 15 5.96 6.95 -4.95
N LYS A 16 5.88 8.27 -5.02
CA LYS A 16 6.98 9.13 -4.57
C LYS A 16 6.68 9.70 -3.19
N LEU A 17 6.01 8.92 -2.36
CA LEU A 17 5.67 9.35 -1.01
C LEU A 17 6.93 9.61 -0.19
N ASN A 18 7.59 8.54 0.23
CA ASN A 18 8.81 8.64 1.02
C ASN A 18 9.57 7.32 1.04
N ILE A 19 10.89 7.41 0.92
CA ILE A 19 11.74 6.22 0.92
C ILE A 19 11.44 5.33 2.12
N ASP A 20 11.15 5.96 3.26
CA ASP A 20 10.85 5.24 4.48
C ASP A 20 9.40 4.75 4.48
N HIS A 21 8.49 5.60 4.01
CA HIS A 21 7.07 5.25 3.96
C HIS A 21 6.85 4.03 3.07
N LYS A 22 7.37 4.10 1.84
CA LYS A 22 7.23 3.01 0.90
C LYS A 22 7.71 1.69 1.50
N ASP A 23 8.91 1.72 2.07
CA ASP A 23 9.48 0.52 2.69
C ASP A 23 8.58 0.00 3.80
N TYR A 24 7.95 0.91 4.53
CA TYR A 24 7.06 0.53 5.62
C TYR A 24 5.78 -0.10 5.09
N LEU A 25 5.13 0.60 4.17
CA LEU A 25 3.89 0.11 3.57
C LEU A 25 4.11 -1.24 2.88
N LEU A 26 5.28 -1.40 2.28
CA LEU A 26 5.61 -2.65 1.59
C LEU A 26 6.02 -3.73 2.58
N ASP A 27 6.71 -3.32 3.65
CA ASP A 27 7.15 -4.25 4.68
C ASP A 27 5.97 -4.87 5.40
N LEU A 28 5.01 -4.03 5.79
CA LEU A 28 3.81 -4.49 6.48
C LEU A 28 2.89 -5.25 5.55
N LEU A 29 2.77 -4.75 4.32
CA LEU A 29 1.91 -5.38 3.32
C LEU A 29 2.30 -6.85 3.12
N ASN A 30 3.60 -7.13 3.19
CA ASN A 30 4.10 -8.48 3.01
C ASN A 30 3.70 -9.37 4.20
N ASP A 31 3.69 -8.79 5.38
CA ASP A 31 3.33 -9.51 6.59
C ASP A 31 1.88 -9.24 6.99
N VAL A 32 1.06 -8.90 6.00
CA VAL A 32 -0.34 -8.61 6.23
C VAL A 32 -1.12 -9.88 6.58
N LYS A 33 -1.96 -9.79 7.60
CA LYS A 33 -2.76 -10.93 8.03
C LYS A 33 -4.21 -10.51 8.28
N GLY A 34 -5.13 -11.16 7.59
CA GLY A 34 -6.55 -10.84 7.76
C GLY A 34 -7.09 -10.03 6.60
N SER A 35 -8.04 -10.59 5.87
CA SER A 35 -8.64 -9.91 4.73
C SER A 35 -9.16 -8.54 5.13
N LYS A 36 -9.82 -8.48 6.29
CA LYS A 36 -10.36 -7.22 6.79
C LYS A 36 -9.26 -6.16 6.90
N ASP A 37 -8.14 -6.54 7.50
CA ASP A 37 -7.02 -5.62 7.67
C ASP A 37 -6.38 -5.29 6.32
N LEU A 38 -6.31 -6.29 5.46
CA LEU A 38 -5.72 -6.11 4.13
C LEU A 38 -6.52 -5.10 3.31
N LYS A 39 -7.84 -5.22 3.37
CA LYS A 39 -8.71 -4.33 2.62
C LYS A 39 -8.60 -2.90 3.15
N GLU A 40 -8.64 -2.75 4.47
CA GLU A 40 -8.54 -1.43 5.10
C GLU A 40 -7.24 -0.74 4.68
N PHE A 41 -6.18 -1.52 4.53
CA PHE A 41 -4.88 -0.98 4.14
C PHE A 41 -4.98 -0.22 2.81
N HIS A 42 -5.82 -0.74 1.92
CA HIS A 42 -6.01 -0.12 0.61
C HIS A 42 -6.77 1.20 0.73
N LYS A 43 -7.71 1.25 1.67
CA LYS A 43 -8.51 2.45 1.89
C LYS A 43 -7.62 3.63 2.24
N MET A 44 -6.63 3.39 3.11
CA MET A 44 -5.71 4.43 3.52
C MET A 44 -4.66 4.70 2.45
N LEU A 45 -4.24 3.64 1.76
CA LEU A 45 -3.25 3.75 0.71
C LEU A 45 -3.68 4.78 -0.34
N THR A 46 -4.89 4.63 -0.86
CA THR A 46 -5.42 5.54 -1.86
C THR A 46 -5.51 6.96 -1.31
N ALA A 47 -5.83 7.08 -0.03
CA ALA A 47 -5.94 8.38 0.61
C ALA A 47 -4.61 9.13 0.59
N ILE A 48 -3.55 8.44 0.99
CA ILE A 48 -2.22 9.04 1.01
C ILE A 48 -1.85 9.62 -0.35
N LEU A 49 -1.83 8.76 -1.37
CA LEU A 49 -1.50 9.20 -2.72
C LEU A 49 -2.41 10.35 -3.16
N ALA A 50 -3.66 10.31 -2.74
CA ALA A 50 -4.62 11.34 -3.09
C ALA A 50 -4.08 12.72 -2.75
N LYS A 51 -3.33 12.81 -1.66
CA LYS A 51 -2.76 14.08 -1.22
C LYS A 51 -1.64 14.52 -2.17
N GLN A 52 -0.92 13.54 -2.72
CA GLN A 52 0.17 13.82 -3.64
C GLN A 52 -0.35 14.42 -4.94
N PRO A 53 0.55 15.08 -5.68
CA PRO A 53 0.20 15.71 -6.96
C PRO A 53 -0.10 14.70 -8.05
N GLY A 1 -10.02 -12.03 -8.73
CA GLY A 1 -9.23 -11.16 -7.86
C GLY A 1 -9.23 -9.73 -8.33
N SER A 2 -9.42 -8.79 -7.40
CA SER A 2 -9.44 -7.38 -7.72
C SER A 2 -8.10 -6.72 -7.41
N SER A 3 -7.72 -6.75 -6.14
CA SER A 3 -6.45 -6.16 -5.71
C SER A 3 -5.49 -7.24 -5.23
N SER A 4 -4.31 -7.28 -5.85
CA SER A 4 -3.29 -8.26 -5.50
C SER A 4 -2.15 -7.61 -4.72
N ARG A 5 -1.53 -8.38 -3.84
CA ARG A 5 -0.42 -7.88 -3.02
C ARG A 5 0.68 -7.31 -3.91
N SER A 6 1.00 -8.01 -4.99
CA SER A 6 2.03 -7.57 -5.91
C SER A 6 1.63 -6.27 -6.60
N VAL A 7 0.35 -6.14 -6.90
CA VAL A 7 -0.17 -4.95 -7.56
C VAL A 7 -0.16 -3.75 -6.62
N ILE A 8 -0.42 -4.00 -5.34
CA ILE A 8 -0.44 -2.94 -4.34
C ILE A 8 0.97 -2.44 -4.04
N ARG A 9 1.86 -3.36 -3.68
CA ARG A 9 3.24 -3.02 -3.37
C ARG A 9 3.89 -2.28 -4.54
N SER A 10 3.52 -2.68 -5.76
CA SER A 10 4.08 -2.06 -6.95
C SER A 10 3.71 -0.58 -7.02
N ILE A 11 2.51 -0.25 -6.56
CA ILE A 11 2.05 1.13 -6.56
C ILE A 11 2.79 1.97 -5.52
N ILE A 12 3.09 1.34 -4.39
CA ILE A 12 3.81 2.03 -3.32
C ILE A 12 5.24 2.32 -3.71
N LYS A 13 5.97 1.28 -4.11
CA LYS A 13 7.37 1.43 -4.51
C LYS A 13 7.50 2.49 -5.61
N SER A 14 6.51 2.56 -6.48
CA SER A 14 6.52 3.52 -7.57
C SER A 14 6.07 4.90 -7.09
N SER A 15 5.12 4.92 -6.16
CA SER A 15 4.62 6.17 -5.61
C SER A 15 5.76 7.06 -5.13
N LYS A 16 5.57 8.37 -5.26
CA LYS A 16 6.59 9.33 -4.84
C LYS A 16 6.29 9.85 -3.43
N LEU A 17 5.74 8.98 -2.59
CA LEU A 17 5.41 9.35 -1.21
C LEU A 17 6.66 9.71 -0.43
N ASN A 18 7.43 8.69 -0.07
CA ASN A 18 8.67 8.89 0.68
C ASN A 18 9.43 7.59 0.85
N ILE A 19 10.75 7.68 0.86
CA ILE A 19 11.61 6.50 1.01
C ILE A 19 11.25 5.73 2.27
N ASP A 20 10.92 6.46 3.33
CA ASP A 20 10.56 5.83 4.61
C ASP A 20 9.12 5.35 4.57
N HIS A 21 8.21 6.21 4.11
CA HIS A 21 6.80 5.88 4.03
C HIS A 21 6.58 4.62 3.20
N LYS A 22 7.11 4.63 1.98
CA LYS A 22 6.98 3.49 1.08
C LYS A 22 7.48 2.21 1.74
N ASP A 23 8.67 2.27 2.31
CA ASP A 23 9.26 1.12 2.97
C ASP A 23 8.33 0.59 4.06
N TYR A 24 7.70 1.49 4.79
CA TYR A 24 6.79 1.11 5.86
C TYR A 24 5.53 0.44 5.30
N LEU A 25 4.96 1.05 4.26
CA LEU A 25 3.76 0.50 3.63
C LEU A 25 4.05 -0.86 3.01
N LEU A 26 5.25 -1.02 2.47
CA LEU A 26 5.64 -2.29 1.85
C LEU A 26 6.01 -3.33 2.90
N ASP A 27 6.61 -2.87 3.99
CA ASP A 27 7.00 -3.76 5.08
C ASP A 27 5.78 -4.40 5.74
N LEU A 28 4.78 -3.57 6.01
CA LEU A 28 3.55 -4.05 6.63
C LEU A 28 2.70 -4.84 5.64
N LEU A 29 2.63 -4.34 4.41
CA LEU A 29 1.85 -4.98 3.36
C LEU A 29 2.33 -6.42 3.13
N ASN A 30 3.64 -6.62 3.25
CA ASN A 30 4.22 -7.94 3.06
C ASN A 30 3.87 -8.86 4.22
N ASP A 31 3.81 -8.30 5.42
CA ASP A 31 3.48 -9.08 6.61
C ASP A 31 2.01 -8.92 6.98
N VAL A 32 1.19 -8.62 5.97
CA VAL A 32 -0.24 -8.43 6.19
C VAL A 32 -0.92 -9.76 6.54
N LYS A 33 -1.86 -9.70 7.48
CA LYS A 33 -2.57 -10.89 7.92
C LYS A 33 -4.04 -10.57 8.19
N GLY A 34 -4.93 -11.18 7.42
CA GLY A 34 -6.36 -10.95 7.60
C GLY A 34 -6.96 -10.20 6.43
N SER A 35 -8.01 -10.77 5.84
CA SER A 35 -8.68 -10.15 4.71
C SER A 35 -9.14 -8.74 5.05
N LYS A 36 -9.72 -8.58 6.23
CA LYS A 36 -10.21 -7.29 6.69
C LYS A 36 -9.07 -6.26 6.69
N ASP A 37 -7.89 -6.69 7.10
CA ASP A 37 -6.73 -5.81 7.14
C ASP A 37 -6.25 -5.48 5.72
N LEU A 38 -6.20 -6.49 4.87
CA LEU A 38 -5.75 -6.31 3.49
C LEU A 38 -6.61 -5.28 2.78
N LYS A 39 -7.92 -5.47 2.83
CA LYS A 39 -8.86 -4.55 2.19
C LYS A 39 -8.81 -3.18 2.85
N GLU A 40 -8.84 -3.16 4.18
CA GLU A 40 -8.80 -1.91 4.93
C GLU A 40 -7.56 -1.10 4.57
N PHE A 41 -6.46 -1.79 4.32
CA PHE A 41 -5.21 -1.13 3.97
C PHE A 41 -5.39 -0.26 2.72
N HIS A 42 -6.21 -0.73 1.79
CA HIS A 42 -6.47 0.02 0.56
C HIS A 42 -7.24 1.31 0.85
N LYS A 43 -8.14 1.24 1.82
CA LYS A 43 -8.94 2.40 2.20
C LYS A 43 -8.05 3.60 2.53
N MET A 44 -6.98 3.33 3.28
CA MET A 44 -6.05 4.38 3.67
C MET A 44 -5.04 4.66 2.54
N LEU A 45 -4.64 3.61 1.85
CA LEU A 45 -3.69 3.74 0.75
C LEU A 45 -4.14 4.80 -0.24
N THR A 46 -5.37 4.67 -0.72
CA THR A 46 -5.92 5.62 -1.68
C THR A 46 -5.87 7.05 -1.13
N ALA A 47 -6.07 7.18 0.18
CA ALA A 47 -6.03 8.49 0.81
C ALA A 47 -4.62 9.08 0.80
N ILE A 48 -3.63 8.25 1.14
CA ILE A 48 -2.24 8.69 1.16
C ILE A 48 -1.83 9.28 -0.18
N LEU A 49 -1.92 8.48 -1.23
CA LEU A 49 -1.57 8.93 -2.58
C LEU A 49 -2.30 10.22 -2.93
N ALA A 50 -3.55 10.33 -2.47
CA ALA A 50 -4.34 11.52 -2.74
C ALA A 50 -3.61 12.79 -2.35
N LYS A 51 -2.81 12.70 -1.29
CA LYS A 51 -2.03 13.84 -0.80
C LYS A 51 -0.99 14.27 -1.83
N GLN A 52 -0.46 13.29 -2.57
CA GLN A 52 0.54 13.56 -3.59
C GLN A 52 -0.09 13.62 -4.98
N PRO A 53 0.55 14.37 -5.90
CA PRO A 53 0.07 14.51 -7.27
C PRO A 53 0.21 13.23 -8.07
N GLY A 1 -11.75 -8.24 -10.84
CA GLY A 1 -11.38 -7.51 -9.63
C GLY A 1 -9.99 -7.89 -9.14
N SER A 2 -9.07 -8.08 -10.08
CA SER A 2 -7.70 -8.45 -9.73
C SER A 2 -7.07 -7.39 -8.83
N SER A 3 -6.81 -7.77 -7.57
CA SER A 3 -6.22 -6.87 -6.60
C SER A 3 -5.14 -7.58 -5.79
N SER A 4 -4.27 -8.30 -6.48
CA SER A 4 -3.19 -9.04 -5.82
C SER A 4 -2.20 -8.07 -5.16
N ARG A 5 -1.47 -8.56 -4.17
CA ARG A 5 -0.49 -7.76 -3.47
C ARG A 5 0.46 -7.07 -4.44
N SER A 6 0.82 -7.78 -5.51
CA SER A 6 1.73 -7.25 -6.51
C SER A 6 1.24 -5.90 -7.02
N VAL A 7 -0.08 -5.75 -7.12
CA VAL A 7 -0.68 -4.50 -7.59
C VAL A 7 -0.51 -3.40 -6.56
N ILE A 8 -0.85 -3.70 -5.31
CA ILE A 8 -0.73 -2.72 -4.23
C ILE A 8 0.72 -2.30 -4.02
N ARG A 9 1.58 -3.28 -3.80
CA ARG A 9 3.00 -3.02 -3.59
C ARG A 9 3.58 -2.18 -4.72
N SER A 10 3.09 -2.41 -5.93
CA SER A 10 3.55 -1.68 -7.10
C SER A 10 3.30 -0.18 -6.94
N ILE A 11 2.17 0.15 -6.32
CA ILE A 11 1.82 1.55 -6.11
C ILE A 11 2.71 2.19 -5.04
N ILE A 12 3.09 1.40 -4.05
CA ILE A 12 3.94 1.89 -2.98
C ILE A 12 5.34 2.22 -3.49
N LYS A 13 5.98 1.25 -4.14
CA LYS A 13 7.32 1.45 -4.68
C LYS A 13 7.32 2.54 -5.75
N SER A 14 6.19 2.70 -6.43
CA SER A 14 6.06 3.71 -7.46
C SER A 14 5.79 5.09 -6.86
N SER A 15 5.08 5.10 -5.74
CA SER A 15 4.76 6.35 -5.05
C SER A 15 6.01 7.20 -4.85
N LYS A 16 5.88 8.50 -5.10
CA LYS A 16 6.99 9.42 -4.93
C LYS A 16 6.90 10.18 -3.61
N LEU A 17 6.38 9.50 -2.59
CA LEU A 17 6.23 10.10 -1.27
C LEU A 17 7.57 10.16 -0.54
N ASN A 18 8.03 9.02 -0.05
CA ASN A 18 9.30 8.95 0.67
C ASN A 18 9.63 7.51 1.04
N ILE A 19 10.91 7.16 0.96
CA ILE A 19 11.35 5.82 1.30
C ILE A 19 10.84 5.38 2.66
N ASP A 20 10.76 6.34 3.58
CA ASP A 20 10.29 6.07 4.93
C ASP A 20 8.92 5.38 4.90
N HIS A 21 7.97 5.98 4.19
CA HIS A 21 6.63 5.42 4.07
C HIS A 21 6.63 4.19 3.19
N LYS A 22 7.31 4.28 2.04
CA LYS A 22 7.39 3.17 1.10
C LYS A 22 7.86 1.90 1.80
N ASP A 23 8.85 2.05 2.68
CA ASP A 23 9.39 0.92 3.41
C ASP A 23 8.39 0.39 4.42
N TYR A 24 7.62 1.29 5.01
CA TYR A 24 6.62 0.92 6.00
C TYR A 24 5.45 0.17 5.35
N LEU A 25 4.89 0.77 4.31
CA LEU A 25 3.76 0.17 3.60
C LEU A 25 4.13 -1.23 3.10
N LEU A 26 5.36 -1.38 2.62
CA LEU A 26 5.83 -2.67 2.13
C LEU A 26 6.17 -3.60 3.27
N ASP A 27 6.71 -3.04 4.36
CA ASP A 27 7.08 -3.82 5.53
C ASP A 27 5.84 -4.48 6.15
N LEU A 28 4.79 -3.70 6.30
CA LEU A 28 3.55 -4.21 6.89
C LEU A 28 2.78 -5.08 5.90
N LEU A 29 2.81 -4.67 4.63
CA LEU A 29 2.12 -5.41 3.58
C LEU A 29 2.66 -6.84 3.47
N ASN A 30 3.94 -7.00 3.73
CA ASN A 30 4.57 -8.31 3.68
C ASN A 30 4.16 -9.17 4.87
N ASP A 31 3.99 -8.53 6.02
CA ASP A 31 3.60 -9.22 7.24
C ASP A 31 2.10 -9.06 7.50
N VAL A 32 1.35 -8.84 6.44
CA VAL A 32 -0.09 -8.66 6.54
C VAL A 32 -0.79 -10.00 6.78
N LYS A 33 -1.75 -10.00 7.72
CA LYS A 33 -2.49 -11.21 8.05
C LYS A 33 -3.96 -10.88 8.32
N GLY A 34 -4.84 -11.40 7.48
CA GLY A 34 -6.26 -11.16 7.65
C GLY A 34 -6.84 -10.29 6.55
N SER A 35 -7.91 -10.77 5.92
CA SER A 35 -8.56 -10.03 4.84
C SER A 35 -8.92 -8.63 5.29
N LYS A 36 -9.35 -8.50 6.54
CA LYS A 36 -9.73 -7.20 7.09
C LYS A 36 -8.53 -6.25 7.12
N ASP A 37 -7.39 -6.75 7.58
CA ASP A 37 -6.18 -5.94 7.65
C ASP A 37 -5.72 -5.51 6.27
N LEU A 38 -5.91 -6.40 5.30
CA LEU A 38 -5.51 -6.13 3.92
C LEU A 38 -6.48 -5.13 3.26
N LYS A 39 -7.77 -5.34 3.49
CA LYS A 39 -8.79 -4.46 2.94
C LYS A 39 -8.63 -3.04 3.45
N GLU A 40 -8.58 -2.90 4.78
CA GLU A 40 -8.44 -1.59 5.40
C GLU A 40 -7.18 -0.89 4.90
N PHE A 41 -6.13 -1.68 4.66
CA PHE A 41 -4.86 -1.13 4.19
C PHE A 41 -5.05 -0.35 2.89
N HIS A 42 -5.94 -0.85 2.04
CA HIS A 42 -6.22 -0.19 0.77
C HIS A 42 -6.98 1.11 0.98
N LYS A 43 -7.87 1.12 1.96
CA LYS A 43 -8.66 2.30 2.28
C LYS A 43 -7.77 3.49 2.60
N MET A 44 -6.71 3.23 3.36
CA MET A 44 -5.77 4.28 3.75
C MET A 44 -4.79 4.58 2.61
N LEU A 45 -4.41 3.54 1.87
CA LEU A 45 -3.48 3.69 0.76
C LEU A 45 -4.00 4.72 -0.24
N THR A 46 -5.23 4.52 -0.71
CA THR A 46 -5.83 5.43 -1.67
C THR A 46 -5.81 6.87 -1.16
N ALA A 47 -5.98 7.03 0.15
CA ALA A 47 -5.97 8.35 0.77
C ALA A 47 -4.61 9.01 0.64
N ILE A 48 -3.55 8.21 0.74
CA ILE A 48 -2.19 8.72 0.63
C ILE A 48 -1.95 9.37 -0.72
N LEU A 49 -2.11 8.58 -1.78
CA LEU A 49 -1.91 9.09 -3.13
C LEU A 49 -2.89 10.21 -3.45
N ALA A 50 -4.11 10.08 -2.92
CA ALA A 50 -5.14 11.09 -3.15
C ALA A 50 -4.63 12.48 -2.81
N LYS A 51 -3.79 12.57 -1.78
CA LYS A 51 -3.24 13.85 -1.35
C LYS A 51 -2.10 14.28 -2.27
N GLN A 52 -1.37 13.30 -2.81
CA GLN A 52 -0.26 13.59 -3.72
C GLN A 52 -0.76 14.23 -5.01
N PRO A 53 0.15 14.89 -5.73
CA PRO A 53 -0.18 15.56 -6.99
C PRO A 53 -0.48 14.58 -8.11
N GLY A 1 -12.44 -6.15 -10.27
CA GLY A 1 -12.00 -5.51 -9.05
C GLY A 1 -10.97 -6.33 -8.30
N SER A 2 -9.97 -6.82 -9.02
CA SER A 2 -8.92 -7.62 -8.43
C SER A 2 -8.02 -6.78 -7.53
N SER A 3 -7.72 -7.29 -6.34
CA SER A 3 -6.88 -6.59 -5.39
C SER A 3 -5.67 -7.43 -4.99
N SER A 4 -4.83 -7.74 -5.98
CA SER A 4 -3.64 -8.55 -5.74
C SER A 4 -2.55 -7.72 -5.06
N ARG A 5 -1.93 -8.30 -4.03
CA ARG A 5 -0.87 -7.62 -3.30
C ARG A 5 0.19 -7.08 -4.25
N SER A 6 0.46 -7.83 -5.32
CA SER A 6 1.45 -7.43 -6.31
C SER A 6 1.07 -6.10 -6.96
N VAL A 7 -0.22 -5.91 -7.15
CA VAL A 7 -0.72 -4.68 -7.77
C VAL A 7 -0.54 -3.48 -6.84
N ILE A 8 -0.97 -3.64 -5.59
CA ILE A 8 -0.84 -2.58 -4.60
C ILE A 8 0.61 -2.23 -4.34
N ARG A 9 1.40 -3.24 -3.98
CA ARG A 9 2.81 -3.04 -3.69
C ARG A 9 3.50 -2.31 -4.84
N SER A 10 3.06 -2.60 -6.07
CA SER A 10 3.64 -1.98 -7.25
C SER A 10 3.36 -0.48 -7.26
N ILE A 11 2.19 -0.09 -6.77
CA ILE A 11 1.81 1.31 -6.73
C ILE A 11 2.62 2.07 -5.67
N ILE A 12 2.91 1.39 -4.57
CA ILE A 12 3.68 2.00 -3.49
C ILE A 12 5.12 2.28 -3.93
N LYS A 13 5.80 1.24 -4.41
CA LYS A 13 7.18 1.37 -4.86
C LYS A 13 7.30 2.45 -5.92
N SER A 14 6.26 2.61 -6.73
CA SER A 14 6.25 3.61 -7.79
C SER A 14 5.91 4.98 -7.24
N SER A 15 5.03 5.01 -6.23
CA SER A 15 4.63 6.26 -5.61
C SER A 15 5.84 7.09 -5.20
N LYS A 16 5.59 8.36 -4.85
CA LYS A 16 6.66 9.26 -4.44
C LYS A 16 6.43 9.76 -3.01
N LEU A 17 5.85 8.90 -2.17
CA LEU A 17 5.58 9.27 -0.79
C LEU A 17 6.87 9.53 -0.03
N ASN A 18 7.59 8.47 0.30
CA ASN A 18 8.85 8.58 1.03
C ASN A 18 9.59 7.24 1.06
N ILE A 19 10.91 7.31 1.08
CA ILE A 19 11.73 6.10 1.11
C ILE A 19 11.35 5.21 2.29
N ASP A 20 11.02 5.83 3.42
CA ASP A 20 10.64 5.10 4.62
C ASP A 20 9.19 4.66 4.54
N HIS A 21 8.34 5.51 3.95
CA HIS A 21 6.93 5.22 3.81
C HIS A 21 6.71 4.02 2.89
N LYS A 22 7.44 3.98 1.79
CA LYS A 22 7.33 2.90 0.83
C LYS A 22 7.79 1.57 1.44
N ASP A 23 8.97 1.60 2.05
CA ASP A 23 9.52 0.40 2.68
C ASP A 23 8.64 -0.06 3.83
N TYR A 24 8.07 0.90 4.56
CA TYR A 24 7.21 0.59 5.69
C TYR A 24 5.88 0.02 5.22
N LEU A 25 5.22 0.74 4.31
CA LEU A 25 3.93 0.30 3.79
C LEU A 25 4.05 -1.08 3.14
N LEU A 26 5.19 -1.34 2.50
CA LEU A 26 5.43 -2.61 1.84
C LEU A 26 5.84 -3.68 2.85
N ASP A 27 6.59 -3.26 3.86
CA ASP A 27 7.05 -4.18 4.90
C ASP A 27 5.87 -4.80 5.64
N LEU A 28 4.91 -3.97 6.01
CA LEU A 28 3.72 -4.42 6.72
C LEU A 28 2.75 -5.11 5.77
N LEU A 29 2.61 -4.55 4.57
CA LEU A 29 1.70 -5.12 3.57
C LEU A 29 2.10 -6.55 3.24
N ASN A 30 3.40 -6.83 3.24
CA ASN A 30 3.90 -8.15 2.93
C ASN A 30 3.66 -9.11 4.09
N ASP A 31 3.75 -8.60 5.31
CA ASP A 31 3.53 -9.41 6.50
C ASP A 31 2.14 -9.15 7.09
N VAL A 32 1.22 -8.72 6.24
CA VAL A 32 -0.14 -8.44 6.68
C VAL A 32 -0.84 -9.70 7.16
N LYS A 33 -1.37 -9.63 8.39
CA LYS A 33 -2.08 -10.77 8.97
C LYS A 33 -3.55 -10.46 9.15
N GLY A 34 -4.36 -10.89 8.18
CA GLY A 34 -5.79 -10.66 8.25
C GLY A 34 -6.32 -9.92 7.04
N SER A 35 -7.10 -10.61 6.21
CA SER A 35 -7.65 -10.00 5.01
C SER A 35 -8.37 -8.70 5.34
N LYS A 36 -9.07 -8.69 6.47
CA LYS A 36 -9.80 -7.50 6.91
C LYS A 36 -8.88 -6.28 6.99
N ASP A 37 -7.72 -6.47 7.62
CA ASP A 37 -6.75 -5.39 7.75
C ASP A 37 -6.12 -5.05 6.41
N LEU A 38 -5.90 -6.07 5.59
CA LEU A 38 -5.29 -5.88 4.27
C LEU A 38 -6.20 -5.05 3.37
N LYS A 39 -7.48 -5.40 3.33
CA LYS A 39 -8.45 -4.67 2.52
C LYS A 39 -8.53 -3.21 2.95
N GLU A 40 -8.66 -3.00 4.26
CA GLU A 40 -8.77 -1.64 4.79
C GLU A 40 -7.50 -0.85 4.51
N PHE A 41 -6.36 -1.53 4.55
CA PHE A 41 -5.07 -0.89 4.29
C PHE A 41 -5.05 -0.23 2.92
N HIS A 42 -5.68 -0.88 1.95
CA HIS A 42 -5.74 -0.35 0.59
C HIS A 42 -6.65 0.86 0.52
N LYS A 43 -7.74 0.82 1.29
CA LYS A 43 -8.70 1.91 1.32
C LYS A 43 -8.02 3.24 1.69
N MET A 44 -7.10 3.17 2.64
CA MET A 44 -6.37 4.36 3.08
C MET A 44 -5.20 4.66 2.14
N LEU A 45 -4.56 3.60 1.65
CA LEU A 45 -3.43 3.75 0.74
C LEU A 45 -3.79 4.62 -0.45
N THR A 46 -4.89 4.27 -1.12
CA THR A 46 -5.35 5.03 -2.28
C THR A 46 -5.54 6.50 -1.94
N ALA A 47 -5.98 6.77 -0.71
CA ALA A 47 -6.20 8.14 -0.27
C ALA A 47 -4.88 8.89 -0.15
N ILE A 48 -3.84 8.20 0.32
CA ILE A 48 -2.53 8.81 0.49
C ILE A 48 -1.99 9.30 -0.85
N LEU A 49 -2.05 8.45 -1.86
CA LEU A 49 -1.56 8.79 -3.20
C LEU A 49 -2.36 9.95 -3.78
N ALA A 50 -3.65 9.98 -3.49
CA ALA A 50 -4.52 11.04 -3.97
C ALA A 50 -4.02 12.41 -3.53
N LYS A 51 -3.61 12.51 -2.27
CA LYS A 51 -3.10 13.76 -1.72
C LYS A 51 -1.80 14.18 -2.41
N GLN A 52 -1.02 13.19 -2.82
CA GLN A 52 0.26 13.46 -3.50
C GLN A 52 0.02 13.98 -4.91
N PRO A 53 1.04 14.63 -5.48
CA PRO A 53 0.96 15.19 -6.82
C PRO A 53 0.93 14.12 -7.90
N GLY A 1 -10.77 -8.70 -7.44
CA GLY A 1 -10.82 -8.13 -8.77
C GLY A 1 -9.45 -7.74 -9.29
N SER A 2 -8.54 -8.71 -9.32
CA SER A 2 -7.18 -8.46 -9.79
C SER A 2 -6.48 -7.45 -8.90
N SER A 3 -6.73 -7.53 -7.60
CA SER A 3 -6.13 -6.62 -6.64
C SER A 3 -5.12 -7.34 -5.76
N SER A 4 -4.24 -8.13 -6.39
CA SER A 4 -3.23 -8.88 -5.67
C SER A 4 -2.22 -7.95 -5.01
N ARG A 5 -1.58 -8.42 -3.95
CA ARG A 5 -0.59 -7.63 -3.23
C ARG A 5 0.46 -7.07 -4.19
N SER A 6 0.83 -7.88 -5.18
CA SER A 6 1.83 -7.48 -6.16
C SER A 6 1.47 -6.13 -6.78
N VAL A 7 0.16 -5.91 -6.97
CA VAL A 7 -0.32 -4.67 -7.55
C VAL A 7 -0.12 -3.50 -6.61
N ILE A 8 -0.56 -3.66 -5.37
CA ILE A 8 -0.42 -2.61 -4.36
C ILE A 8 1.04 -2.26 -4.13
N ARG A 9 1.85 -3.27 -3.81
CA ARG A 9 3.27 -3.06 -3.56
C ARG A 9 3.93 -2.38 -4.75
N SER A 10 3.47 -2.71 -5.95
CA SER A 10 4.02 -2.14 -7.17
C SER A 10 3.74 -0.64 -7.24
N ILE A 11 2.57 -0.25 -6.75
CA ILE A 11 2.18 1.17 -6.76
C ILE A 11 2.92 1.94 -5.67
N ILE A 12 3.14 1.29 -4.53
CA ILE A 12 3.85 1.92 -3.42
C ILE A 12 5.30 2.20 -3.77
N LYS A 13 6.01 1.16 -4.18
CA LYS A 13 7.41 1.28 -4.56
C LYS A 13 7.61 2.39 -5.59
N SER A 14 6.63 2.54 -6.47
CA SER A 14 6.69 3.56 -7.52
C SER A 14 6.28 4.93 -6.97
N SER A 15 5.32 4.92 -6.05
CA SER A 15 4.84 6.16 -5.44
C SER A 15 6.00 6.99 -4.90
N LYS A 16 5.90 8.30 -5.03
CA LYS A 16 6.93 9.21 -4.56
C LYS A 16 6.55 9.80 -3.20
N LEU A 17 5.87 9.00 -2.38
CA LEU A 17 5.45 9.45 -1.05
C LEU A 17 6.66 9.79 -0.19
N ASN A 18 7.35 8.75 0.29
CA ASN A 18 8.53 8.93 1.12
C ASN A 18 9.35 7.65 1.20
N ILE A 19 10.66 7.81 1.35
CA ILE A 19 11.56 6.66 1.43
C ILE A 19 11.21 5.78 2.63
N ASP A 20 10.83 6.41 3.73
CA ASP A 20 10.46 5.69 4.95
C ASP A 20 9.03 5.16 4.85
N HIS A 21 8.16 5.94 4.23
CA HIS A 21 6.76 5.55 4.07
C HIS A 21 6.63 4.33 3.16
N LYS A 22 7.25 4.42 1.98
CA LYS A 22 7.21 3.32 1.02
C LYS A 22 7.72 2.03 1.64
N ASP A 23 8.89 2.11 2.26
CA ASP A 23 9.50 0.94 2.90
C ASP A 23 8.59 0.38 3.98
N TYR A 24 7.90 1.27 4.69
CA TYR A 24 6.99 0.86 5.76
C TYR A 24 5.75 0.16 5.18
N LEU A 25 5.09 0.82 4.24
CA LEU A 25 3.90 0.26 3.60
C LEU A 25 4.20 -1.09 2.97
N LEU A 26 5.41 -1.23 2.42
CA LEU A 26 5.81 -2.48 1.79
C LEU A 26 6.24 -3.51 2.84
N ASP A 27 6.88 -3.03 3.90
CA ASP A 27 7.33 -3.91 4.97
C ASP A 27 6.15 -4.53 5.70
N LEU A 28 5.15 -3.71 6.03
CA LEU A 28 3.97 -4.19 6.73
C LEU A 28 3.08 -5.02 5.80
N LEU A 29 2.96 -4.57 4.55
CA LEU A 29 2.15 -5.27 3.57
C LEU A 29 2.62 -6.71 3.38
N ASN A 30 3.93 -6.90 3.47
CA ASN A 30 4.51 -8.23 3.32
C ASN A 30 4.09 -9.14 4.46
N ASP A 31 3.98 -8.57 5.67
CA ASP A 31 3.59 -9.33 6.84
C ASP A 31 2.12 -9.10 7.17
N VAL A 32 1.33 -8.76 6.15
CA VAL A 32 -0.09 -8.51 6.33
C VAL A 32 -0.84 -9.79 6.68
N LYS A 33 -1.72 -9.71 7.67
CA LYS A 33 -2.50 -10.86 8.10
C LYS A 33 -3.95 -10.47 8.37
N GLY A 34 -4.87 -11.11 7.66
CA GLY A 34 -6.28 -10.82 7.85
C GLY A 34 -6.90 -10.15 6.64
N SER A 35 -7.89 -10.80 6.05
CA SER A 35 -8.57 -10.25 4.86
C SER A 35 -9.11 -8.86 5.15
N LYS A 36 -9.76 -8.71 6.29
CA LYS A 36 -10.33 -7.42 6.68
C LYS A 36 -9.25 -6.37 6.88
N ASP A 37 -8.11 -6.81 7.41
CA ASP A 37 -6.98 -5.91 7.65
C ASP A 37 -6.35 -5.48 6.34
N LEU A 38 -6.29 -6.39 5.38
CA LEU A 38 -5.70 -6.11 4.08
C LEU A 38 -6.52 -5.07 3.32
N LYS A 39 -7.84 -5.17 3.45
CA LYS A 39 -8.75 -4.25 2.79
C LYS A 39 -8.59 -2.84 3.34
N GLU A 40 -8.57 -2.73 4.67
CA GLU A 40 -8.43 -1.44 5.33
C GLU A 40 -7.15 -0.73 4.87
N PHE A 41 -6.11 -1.51 4.63
CA PHE A 41 -4.83 -0.97 4.20
C PHE A 41 -4.99 -0.17 2.90
N HIS A 42 -5.85 -0.67 2.01
CA HIS A 42 -6.09 -0.01 0.74
C HIS A 42 -6.89 1.28 0.94
N LYS A 43 -7.81 1.25 1.89
CA LYS A 43 -8.64 2.41 2.19
C LYS A 43 -7.78 3.63 2.53
N MET A 44 -6.73 3.40 3.32
CA MET A 44 -5.83 4.46 3.73
C MET A 44 -4.83 4.77 2.62
N LEU A 45 -4.40 3.74 1.91
CA LEU A 45 -3.44 3.90 0.82
C LEU A 45 -3.94 4.92 -0.19
N THR A 46 -5.16 4.72 -0.68
CA THR A 46 -5.75 5.62 -1.66
C THR A 46 -5.81 7.05 -1.13
N ALA A 47 -6.03 7.19 0.17
CA ALA A 47 -6.11 8.50 0.81
C ALA A 47 -4.76 9.21 0.75
N ILE A 48 -3.70 8.47 1.02
CA ILE A 48 -2.35 9.02 1.01
C ILE A 48 -2.00 9.57 -0.37
N LEU A 49 -2.03 8.69 -1.37
CA LEU A 49 -1.72 9.08 -2.75
C LEU A 49 -2.61 10.23 -3.20
N ALA A 50 -3.86 10.22 -2.76
CA ALA A 50 -4.81 11.26 -3.11
C ALA A 50 -4.26 12.64 -2.79
N LYS A 51 -3.53 12.74 -1.68
CA LYS A 51 -2.94 14.00 -1.27
C LYS A 51 -1.78 14.39 -2.17
N GLN A 52 -1.06 13.39 -2.67
CA GLN A 52 0.07 13.61 -3.55
C GLN A 52 0.14 12.57 -4.65
N PRO A 53 -0.69 12.74 -5.69
CA PRO A 53 -0.74 11.82 -6.83
C PRO A 53 0.51 11.87 -7.69
N GLY A 1 -12.60 -7.68 -9.89
CA GLY A 1 -11.41 -6.87 -9.72
C GLY A 1 -10.27 -7.63 -9.07
N SER A 2 -9.19 -7.83 -9.82
CA SER A 2 -8.03 -8.55 -9.30
C SER A 2 -6.98 -7.58 -8.77
N SER A 3 -7.06 -7.30 -7.47
CA SER A 3 -6.11 -6.38 -6.83
C SER A 3 -5.08 -7.16 -6.01
N SER A 4 -4.33 -8.03 -6.67
CA SER A 4 -3.32 -8.84 -6.00
C SER A 4 -2.31 -7.94 -5.29
N ARG A 5 -1.71 -8.47 -4.23
CA ARG A 5 -0.73 -7.73 -3.46
C ARG A 5 0.35 -7.14 -4.36
N SER A 6 0.72 -7.89 -5.40
CA SER A 6 1.74 -7.46 -6.34
C SER A 6 1.39 -6.09 -6.93
N VAL A 7 0.10 -5.86 -7.14
CA VAL A 7 -0.38 -4.59 -7.69
C VAL A 7 -0.18 -3.45 -6.71
N ILE A 8 -0.67 -3.64 -5.49
CA ILE A 8 -0.54 -2.62 -4.45
C ILE A 8 0.92 -2.26 -4.21
N ARG A 9 1.74 -3.26 -3.92
CA ARG A 9 3.16 -3.04 -3.69
C ARG A 9 3.81 -2.33 -4.86
N SER A 10 3.35 -2.65 -6.07
CA SER A 10 3.89 -2.04 -7.28
C SER A 10 3.61 -0.55 -7.31
N ILE A 11 2.44 -0.15 -6.80
CA ILE A 11 2.05 1.24 -6.76
C ILE A 11 2.88 2.02 -5.73
N ILE A 12 3.18 1.37 -4.62
CA ILE A 12 3.96 2.00 -3.56
C ILE A 12 5.39 2.26 -4.02
N LYS A 13 6.06 1.21 -4.48
CA LYS A 13 7.44 1.33 -4.95
C LYS A 13 7.55 2.41 -6.02
N SER A 14 6.50 2.55 -6.83
CA SER A 14 6.49 3.55 -7.89
C SER A 14 6.16 4.93 -7.35
N SER A 15 5.28 4.96 -6.34
CA SER A 15 4.87 6.22 -5.73
C SER A 15 6.08 7.05 -5.31
N LYS A 16 5.84 8.31 -4.94
CA LYS A 16 6.91 9.19 -4.52
C LYS A 16 6.63 9.77 -3.14
N LEU A 17 5.99 8.98 -2.29
CA LEU A 17 5.67 9.41 -0.94
C LEU A 17 6.94 9.68 -0.13
N ASN A 18 7.62 8.61 0.28
CA ASN A 18 8.84 8.74 1.07
C ASN A 18 9.61 7.43 1.09
N ILE A 19 10.94 7.51 1.03
CA ILE A 19 11.78 6.32 1.05
C ILE A 19 11.42 5.43 2.23
N ASP A 20 11.07 6.03 3.35
CA ASP A 20 10.71 5.28 4.54
C ASP A 20 9.27 4.76 4.45
N HIS A 21 8.37 5.62 3.99
CA HIS A 21 6.96 5.25 3.84
C HIS A 21 6.81 4.06 2.90
N LYS A 22 7.55 4.09 1.80
CA LYS A 22 7.49 3.01 0.82
C LYS A 22 7.97 1.70 1.43
N ASP A 23 9.14 1.74 2.06
CA ASP A 23 9.71 0.55 2.69
C ASP A 23 8.78 0.01 3.78
N TYR A 24 8.15 0.93 4.51
CA TYR A 24 7.24 0.55 5.59
C TYR A 24 5.96 -0.07 5.03
N LEU A 25 5.33 0.64 4.11
CA LEU A 25 4.10 0.16 3.50
C LEU A 25 4.31 -1.19 2.81
N LEU A 26 5.49 -1.36 2.23
CA LEU A 26 5.82 -2.61 1.54
C LEU A 26 6.21 -3.69 2.53
N ASP A 27 6.89 -3.29 3.60
CA ASP A 27 7.32 -4.22 4.63
C ASP A 27 6.12 -4.82 5.37
N LEU A 28 5.18 -3.96 5.74
CA LEU A 28 3.97 -4.39 6.45
C LEU A 28 3.03 -5.14 5.51
N LEU A 29 2.92 -4.64 4.28
CA LEU A 29 2.05 -5.26 3.28
C LEU A 29 2.43 -6.72 3.06
N ASN A 30 3.73 -7.01 3.13
CA ASN A 30 4.22 -8.37 2.94
C ASN A 30 3.88 -9.25 4.14
N ASP A 31 3.94 -8.65 5.33
CA ASP A 31 3.64 -9.37 6.56
C ASP A 31 2.21 -9.09 7.02
N VAL A 32 1.35 -8.74 6.08
CA VAL A 32 -0.05 -8.44 6.39
C VAL A 32 -0.77 -9.68 6.91
N LYS A 33 -1.43 -9.53 8.07
CA LYS A 33 -2.16 -10.64 8.67
C LYS A 33 -3.59 -10.22 9.00
N GLY A 34 -4.54 -10.70 8.20
CA GLY A 34 -5.94 -10.36 8.43
C GLY A 34 -6.63 -9.90 7.17
N SER A 35 -7.67 -10.61 6.76
CA SER A 35 -8.43 -10.26 5.57
C SER A 35 -8.93 -8.81 5.63
N LYS A 36 -9.48 -8.45 6.79
CA LYS A 36 -10.00 -7.10 6.99
C LYS A 36 -8.88 -6.07 6.89
N ASP A 37 -7.70 -6.43 7.37
CA ASP A 37 -6.56 -5.53 7.34
C ASP A 37 -6.09 -5.30 5.91
N LEU A 38 -6.07 -6.37 5.12
CA LEU A 38 -5.65 -6.29 3.72
C LEU A 38 -6.51 -5.29 2.95
N LYS A 39 -7.82 -5.31 3.21
CA LYS A 39 -8.75 -4.41 2.54
C LYS A 39 -8.65 -3.00 3.12
N GLU A 40 -8.72 -2.91 4.45
CA GLU A 40 -8.63 -1.63 5.13
C GLU A 40 -7.34 -0.90 4.75
N PHE A 41 -6.27 -1.65 4.58
CA PHE A 41 -4.97 -1.08 4.21
C PHE A 41 -5.08 -0.27 2.93
N HIS A 42 -5.90 -0.74 2.00
CA HIS A 42 -6.10 -0.06 0.73
C HIS A 42 -6.87 1.24 0.92
N LYS A 43 -7.82 1.23 1.84
CA LYS A 43 -8.63 2.41 2.11
C LYS A 43 -7.76 3.59 2.52
N MET A 44 -6.77 3.32 3.38
CA MET A 44 -5.86 4.36 3.84
C MET A 44 -4.81 4.69 2.78
N LEU A 45 -4.38 3.66 2.04
CA LEU A 45 -3.38 3.83 1.00
C LEU A 45 -3.83 4.89 -0.01
N THR A 46 -5.02 4.69 -0.57
CA THR A 46 -5.57 5.62 -1.56
C THR A 46 -5.64 7.03 -0.99
N ALA A 47 -5.93 7.13 0.30
CA ALA A 47 -6.03 8.43 0.96
C ALA A 47 -4.69 9.15 0.94
N ILE A 48 -3.61 8.40 1.11
CA ILE A 48 -2.27 8.97 1.11
C ILE A 48 -1.89 9.47 -0.27
N LEU A 49 -1.87 8.57 -1.24
CA LEU A 49 -1.52 8.92 -2.61
C LEU A 49 -2.42 10.02 -3.14
N ALA A 50 -3.70 9.98 -2.74
CA ALA A 50 -4.67 10.99 -3.17
C ALA A 50 -4.14 12.39 -2.91
N LYS A 51 -3.43 12.56 -1.81
CA LYS A 51 -2.87 13.86 -1.44
C LYS A 51 -1.73 14.24 -2.38
N GLN A 52 -0.99 13.24 -2.84
CA GLN A 52 0.13 13.48 -3.74
C GLN A 52 0.23 12.37 -4.80
N PRO A 53 -0.61 12.45 -5.83
CA PRO A 53 -0.63 11.47 -6.92
C PRO A 53 0.61 11.54 -7.79
N GLY A 1 -9.05 -12.59 -7.35
CA GLY A 1 -9.33 -11.28 -6.81
C GLY A 1 -8.81 -10.16 -7.71
N SER A 2 -9.17 -8.93 -7.38
CA SER A 2 -8.76 -7.78 -8.17
C SER A 2 -7.48 -7.15 -7.59
N SER A 3 -7.49 -6.91 -6.28
CA SER A 3 -6.35 -6.31 -5.61
C SER A 3 -5.33 -7.38 -5.21
N SER A 4 -4.34 -7.59 -6.08
CA SER A 4 -3.31 -8.59 -5.83
C SER A 4 -2.11 -7.97 -5.12
N ARG A 5 -1.48 -8.74 -4.25
CA ARG A 5 -0.32 -8.26 -3.50
C ARG A 5 0.74 -7.70 -4.44
N SER A 6 1.04 -8.43 -5.50
CA SER A 6 2.04 -8.00 -6.48
C SER A 6 1.64 -6.67 -7.09
N VAL A 7 0.35 -6.47 -7.31
CA VAL A 7 -0.15 -5.23 -7.89
C VAL A 7 -0.13 -4.10 -6.88
N ILE A 8 -0.39 -4.42 -5.62
CA ILE A 8 -0.39 -3.42 -4.55
C ILE A 8 1.02 -2.94 -4.26
N ARG A 9 1.92 -3.88 -3.97
CA ARG A 9 3.31 -3.55 -3.66
C ARG A 9 3.91 -2.66 -4.75
N SER A 10 3.51 -2.91 -5.99
CA SER A 10 4.00 -2.14 -7.13
C SER A 10 3.67 -0.66 -6.95
N ILE A 11 2.45 -0.39 -6.52
CA ILE A 11 2.00 0.99 -6.32
C ILE A 11 2.77 1.66 -5.19
N ILE A 12 3.08 0.90 -4.15
CA ILE A 12 3.82 1.42 -3.00
C ILE A 12 5.24 1.78 -3.40
N LYS A 13 5.96 0.82 -3.97
CA LYS A 13 7.34 1.04 -4.40
C LYS A 13 7.41 2.15 -5.44
N SER A 14 6.40 2.21 -6.30
CA SER A 14 6.36 3.22 -7.36
C SER A 14 5.48 4.40 -6.93
N SER A 15 5.33 4.59 -5.62
CA SER A 15 4.53 5.67 -5.09
C SER A 15 5.26 7.01 -5.21
N LYS A 16 4.68 8.05 -4.62
CA LYS A 16 5.28 9.38 -4.65
C LYS A 16 6.04 9.66 -3.37
N LEU A 17 5.51 9.17 -2.25
CA LEU A 17 6.15 9.37 -0.95
C LEU A 17 7.61 8.95 -0.99
N ASN A 18 8.35 9.29 0.07
CA ASN A 18 9.77 8.95 0.16
C ASN A 18 9.95 7.46 0.41
N ILE A 19 11.19 6.99 0.28
CA ILE A 19 11.50 5.59 0.50
C ILE A 19 11.22 5.18 1.95
N ASP A 20 11.47 6.10 2.88
CA ASP A 20 11.25 5.84 4.29
C ASP A 20 9.82 5.37 4.54
N HIS A 21 8.86 6.15 4.04
CA HIS A 21 7.45 5.82 4.21
C HIS A 21 7.09 4.54 3.44
N LYS A 22 7.50 4.49 2.18
CA LYS A 22 7.23 3.33 1.34
C LYS A 22 7.71 2.04 2.02
N ASP A 23 8.91 2.09 2.59
CA ASP A 23 9.47 0.93 3.26
C ASP A 23 8.52 0.40 4.32
N TYR A 24 7.80 1.30 4.98
CA TYR A 24 6.86 0.92 6.02
C TYR A 24 5.62 0.25 5.41
N LEU A 25 5.07 0.87 4.38
CA LEU A 25 3.89 0.34 3.71
C LEU A 25 4.17 -1.06 3.15
N LEU A 26 5.38 -1.25 2.64
CA LEU A 26 5.78 -2.54 2.08
C LEU A 26 6.14 -3.53 3.18
N ASP A 27 6.76 -3.02 4.25
CA ASP A 27 7.17 -3.86 5.37
C ASP A 27 5.95 -4.52 6.02
N LEU A 28 4.91 -3.73 6.24
CA LEU A 28 3.69 -4.23 6.86
C LEU A 28 2.88 -5.05 5.87
N LEU A 29 2.82 -4.59 4.61
CA LEU A 29 2.09 -5.29 3.57
C LEU A 29 2.57 -6.73 3.43
N ASN A 30 3.87 -6.93 3.59
CA ASN A 30 4.46 -8.26 3.49
C ASN A 30 4.01 -9.15 4.64
N ASP A 31 3.87 -8.56 5.82
CA ASP A 31 3.44 -9.30 7.00
C ASP A 31 1.95 -9.08 7.27
N VAL A 32 1.20 -8.78 6.21
CA VAL A 32 -0.22 -8.54 6.33
C VAL A 32 -0.97 -9.84 6.64
N LYS A 33 -1.90 -9.77 7.58
CA LYS A 33 -2.69 -10.94 7.96
C LYS A 33 -4.16 -10.57 8.12
N GLY A 34 -5.01 -11.22 7.34
CA GLY A 34 -6.44 -10.95 7.40
C GLY A 34 -6.95 -10.25 6.16
N SER A 35 -7.96 -10.83 5.52
CA SER A 35 -8.54 -10.25 4.31
C SER A 35 -9.12 -8.87 4.60
N LYS A 36 -9.77 -8.73 5.75
CA LYS A 36 -10.36 -7.46 6.15
C LYS A 36 -9.28 -6.42 6.42
N ASP A 37 -8.23 -6.82 7.14
CA ASP A 37 -7.13 -5.92 7.46
C ASP A 37 -6.41 -5.46 6.20
N LEU A 38 -6.31 -6.35 5.22
CA LEU A 38 -5.63 -6.04 3.97
C LEU A 38 -6.41 -5.00 3.19
N LYS A 39 -7.74 -5.08 3.24
CA LYS A 39 -8.60 -4.13 2.54
C LYS A 39 -8.42 -2.72 3.10
N GLU A 40 -8.36 -2.61 4.43
CA GLU A 40 -8.20 -1.32 5.08
C GLU A 40 -6.92 -0.64 4.61
N PHE A 41 -5.88 -1.43 4.37
CA PHE A 41 -4.60 -0.90 3.93
C PHE A 41 -4.76 -0.11 2.63
N HIS A 42 -5.66 -0.58 1.77
CA HIS A 42 -5.91 0.08 0.49
C HIS A 42 -6.59 1.42 0.71
N LYS A 43 -7.48 1.48 1.70
CA LYS A 43 -8.20 2.71 2.01
C LYS A 43 -7.23 3.84 2.34
N MET A 44 -6.26 3.55 3.20
CA MET A 44 -5.27 4.55 3.60
C MET A 44 -4.30 4.83 2.45
N LEU A 45 -3.96 3.79 1.70
CA LEU A 45 -3.03 3.92 0.58
C LEU A 45 -3.52 5.00 -0.40
N THR A 46 -4.74 4.84 -0.88
CA THR A 46 -5.31 5.80 -1.83
C THR A 46 -5.43 7.19 -1.19
N ALA A 47 -5.74 7.21 0.10
CA ALA A 47 -5.89 8.47 0.83
C ALA A 47 -4.62 9.31 0.73
N ILE A 48 -3.47 8.66 0.90
CA ILE A 48 -2.18 9.35 0.83
C ILE A 48 -1.94 9.92 -0.57
N LEU A 49 -1.94 9.03 -1.57
CA LEU A 49 -1.73 9.45 -2.95
C LEU A 49 -2.71 10.53 -3.35
N ALA A 50 -3.96 10.39 -2.92
CA ALA A 50 -5.00 11.37 -3.23
C ALA A 50 -4.60 12.77 -2.78
N LYS A 51 -3.94 12.85 -1.62
CA LYS A 51 -3.50 14.12 -1.08
C LYS A 51 -2.28 14.64 -1.84
N GLN A 52 -1.45 13.73 -2.32
CA GLN A 52 -0.26 14.10 -3.07
C GLN A 52 -0.60 14.48 -4.50
N PRO A 53 0.30 15.21 -5.17
CA PRO A 53 0.12 15.65 -6.55
C PRO A 53 0.18 14.48 -7.54
N GLY A 1 -10.79 -3.96 -8.95
CA GLY A 1 -11.41 -5.25 -9.26
C GLY A 1 -10.50 -6.42 -8.96
N SER A 2 -9.38 -6.50 -9.67
CA SER A 2 -8.42 -7.58 -9.47
C SER A 2 -7.25 -7.13 -8.60
N SER A 3 -7.58 -6.58 -7.44
CA SER A 3 -6.56 -6.10 -6.50
C SER A 3 -5.63 -7.24 -6.09
N SER A 4 -4.44 -7.26 -6.68
CA SER A 4 -3.45 -8.30 -6.38
C SER A 4 -2.32 -7.74 -5.52
N ARG A 5 -1.79 -8.57 -4.64
CA ARG A 5 -0.70 -8.16 -3.75
C ARG A 5 0.44 -7.53 -4.56
N SER A 6 0.78 -8.16 -5.68
CA SER A 6 1.85 -7.67 -6.54
C SER A 6 1.50 -6.29 -7.11
N VAL A 7 0.23 -6.10 -7.42
CA VAL A 7 -0.24 -4.83 -7.99
C VAL A 7 -0.19 -3.72 -6.95
N ILE A 8 -0.60 -4.03 -5.72
CA ILE A 8 -0.59 -3.06 -4.63
C ILE A 8 0.83 -2.62 -4.30
N ARG A 9 1.71 -3.59 -4.06
CA ARG A 9 3.10 -3.30 -3.73
C ARG A 9 3.76 -2.49 -4.84
N SER A 10 3.40 -2.80 -6.08
CA SER A 10 3.97 -2.09 -7.22
C SER A 10 3.70 -0.60 -7.14
N ILE A 11 2.52 -0.25 -6.63
CA ILE A 11 2.14 1.15 -6.50
C ILE A 11 2.91 1.83 -5.37
N ILE A 12 3.18 1.07 -4.31
CA ILE A 12 3.91 1.59 -3.17
C ILE A 12 5.36 1.89 -3.53
N LYS A 13 6.05 0.88 -4.07
CA LYS A 13 7.44 1.04 -4.47
C LYS A 13 7.59 2.14 -5.51
N SER A 14 6.61 2.26 -6.39
CA SER A 14 6.63 3.26 -7.45
C SER A 14 5.74 4.44 -7.08
N SER A 15 5.50 4.62 -5.78
CA SER A 15 4.66 5.72 -5.30
C SER A 15 5.41 7.03 -5.35
N LYS A 16 4.83 8.07 -4.74
CA LYS A 16 5.44 9.39 -4.72
C LYS A 16 6.17 9.63 -3.40
N LEU A 17 5.62 9.10 -2.31
CA LEU A 17 6.23 9.25 -1.00
C LEU A 17 7.69 8.83 -1.02
N ASN A 18 8.41 9.15 0.05
CA ASN A 18 9.82 8.81 0.15
C ASN A 18 10.00 7.31 0.38
N ILE A 19 11.24 6.85 0.27
CA ILE A 19 11.54 5.43 0.48
C ILE A 19 11.26 5.01 1.91
N ASP A 20 11.52 5.91 2.84
CA ASP A 20 11.30 5.64 4.27
C ASP A 20 9.86 5.21 4.51
N HIS A 21 8.92 5.99 4.00
CA HIS A 21 7.50 5.69 4.16
C HIS A 21 7.12 4.43 3.41
N LYS A 22 7.53 4.35 2.15
CA LYS A 22 7.23 3.20 1.31
C LYS A 22 7.67 1.90 1.99
N ASP A 23 8.88 1.92 2.56
CA ASP A 23 9.41 0.75 3.25
C ASP A 23 8.44 0.26 4.32
N TYR A 24 7.78 1.20 4.99
CA TYR A 24 6.82 0.86 6.04
C TYR A 24 5.57 0.24 5.45
N LEU A 25 4.97 0.92 4.48
CA LEU A 25 3.76 0.43 3.83
C LEU A 25 3.97 -0.97 3.26
N LEU A 26 5.17 -1.21 2.74
CA LEU A 26 5.50 -2.52 2.16
C LEU A 26 5.85 -3.52 3.25
N ASP A 27 6.51 -3.04 4.30
CA ASP A 27 6.90 -3.90 5.42
C ASP A 27 5.67 -4.50 6.08
N LEU A 28 4.67 -3.67 6.34
CA LEU A 28 3.44 -4.13 6.99
C LEU A 28 2.59 -4.94 6.02
N LEU A 29 2.54 -4.50 4.76
CA LEU A 29 1.76 -5.19 3.75
C LEU A 29 2.26 -6.62 3.55
N ASN A 30 3.56 -6.81 3.69
CA ASN A 30 4.16 -8.13 3.54
C ASN A 30 3.84 -9.02 4.73
N ASP A 31 3.78 -8.40 5.91
CA ASP A 31 3.48 -9.14 7.14
C ASP A 31 2.00 -9.04 7.47
N VAL A 32 1.17 -8.84 6.46
CA VAL A 32 -0.27 -8.74 6.64
C VAL A 32 -0.89 -10.10 6.91
N LYS A 33 -1.78 -10.16 7.89
CA LYS A 33 -2.46 -11.40 8.24
C LYS A 33 -3.96 -11.19 8.35
N GLY A 34 -4.69 -11.47 7.28
CA GLY A 34 -6.13 -11.31 7.27
C GLY A 34 -6.61 -10.45 6.12
N SER A 35 -7.50 -11.00 5.29
CA SER A 35 -8.03 -10.28 4.15
C SER A 35 -8.59 -8.93 4.58
N LYS A 36 -9.20 -8.89 5.76
CA LYS A 36 -9.78 -7.66 6.29
C LYS A 36 -8.71 -6.60 6.49
N ASP A 37 -7.59 -7.00 7.09
CA ASP A 37 -6.48 -6.08 7.33
C ASP A 37 -5.91 -5.55 6.02
N LEU A 38 -5.88 -6.40 5.00
CA LEU A 38 -5.36 -6.03 3.70
C LEU A 38 -6.30 -5.05 3.00
N LYS A 39 -7.60 -5.31 3.12
CA LYS A 39 -8.60 -4.44 2.50
C LYS A 39 -8.56 -3.04 3.08
N GLU A 40 -8.52 -2.95 4.40
CA GLU A 40 -8.46 -1.67 5.09
C GLU A 40 -7.21 -0.89 4.69
N PHE A 41 -6.11 -1.61 4.48
CA PHE A 41 -4.86 -0.99 4.09
C PHE A 41 -5.02 -0.16 2.82
N HIS A 42 -5.85 -0.67 1.91
CA HIS A 42 -6.10 0.02 0.64
C HIS A 42 -6.84 1.33 0.87
N LYS A 43 -7.74 1.35 1.85
CA LYS A 43 -8.51 2.54 2.18
C LYS A 43 -7.59 3.71 2.50
N MET A 44 -6.62 3.46 3.39
CA MET A 44 -5.67 4.49 3.80
C MET A 44 -4.69 4.79 2.67
N LEU A 45 -4.30 3.77 1.94
CA LEU A 45 -3.36 3.92 0.83
C LEU A 45 -3.94 4.83 -0.25
N THR A 46 -5.20 4.59 -0.60
CA THR A 46 -5.88 5.39 -1.61
C THR A 46 -5.92 6.86 -1.23
N ALA A 47 -6.06 7.14 0.06
CA ALA A 47 -6.09 8.50 0.56
C ALA A 47 -4.74 9.18 0.41
N ILE A 48 -3.69 8.48 0.83
CA ILE A 48 -2.33 9.02 0.73
C ILE A 48 -2.03 9.52 -0.67
N LEU A 49 -2.21 8.65 -1.65
CA LEU A 49 -1.96 9.00 -3.05
C LEU A 49 -2.98 10.02 -3.54
N ALA A 50 -4.21 9.89 -3.07
CA ALA A 50 -5.28 10.80 -3.46
C ALA A 50 -4.88 12.25 -3.21
N LYS A 51 -4.57 12.58 -1.97
CA LYS A 51 -4.17 13.93 -1.61
C LYS A 51 -2.81 14.27 -2.20
N GLN A 52 -1.95 13.26 -2.31
CA GLN A 52 -0.62 13.46 -2.86
C GLN A 52 -0.68 13.85 -4.33
N PRO A 53 0.42 14.44 -4.84
CA PRO A 53 0.51 14.86 -6.23
C PRO A 53 0.57 13.69 -7.20
N GLY A 1 -6.36 -12.35 -12.41
CA GLY A 1 -5.71 -11.79 -11.24
C GLY A 1 -6.20 -10.39 -10.92
N SER A 2 -7.15 -10.30 -10.01
CA SER A 2 -7.71 -9.00 -9.62
C SER A 2 -7.34 -8.66 -8.17
N SER A 3 -6.98 -7.40 -7.95
CA SER A 3 -6.60 -6.94 -6.61
C SER A 3 -5.50 -7.83 -6.03
N SER A 4 -4.49 -8.12 -6.84
CA SER A 4 -3.39 -8.96 -6.39
C SER A 4 -2.36 -8.14 -5.62
N ARG A 5 -1.74 -8.77 -4.63
CA ARG A 5 -0.73 -8.09 -3.81
C ARG A 5 0.34 -7.44 -4.69
N SER A 6 0.67 -8.11 -5.79
CA SER A 6 1.69 -7.59 -6.71
C SER A 6 1.30 -6.21 -7.21
N VAL A 7 0.02 -5.98 -7.40
CA VAL A 7 -0.48 -4.69 -7.87
C VAL A 7 -0.26 -3.61 -6.83
N ILE A 8 -0.73 -3.86 -5.62
CA ILE A 8 -0.60 -2.91 -4.52
C ILE A 8 0.86 -2.55 -4.28
N ARG A 9 1.69 -3.56 -4.06
CA ARG A 9 3.12 -3.35 -3.83
C ARG A 9 3.75 -2.57 -4.98
N SER A 10 3.27 -2.83 -6.20
CA SER A 10 3.80 -2.16 -7.38
C SER A 10 3.59 -0.65 -7.28
N ILE A 11 2.46 -0.25 -6.70
CA ILE A 11 2.15 1.16 -6.55
C ILE A 11 2.94 1.78 -5.39
N ILE A 12 3.13 1.00 -4.33
CA ILE A 12 3.87 1.47 -3.17
C ILE A 12 5.30 1.83 -3.53
N LYS A 13 5.99 0.91 -4.21
CA LYS A 13 7.37 1.13 -4.62
C LYS A 13 7.46 2.29 -5.60
N SER A 14 6.45 2.43 -6.45
CA SER A 14 6.43 3.50 -7.45
C SER A 14 5.62 4.68 -6.94
N SER A 15 5.51 4.80 -5.62
CA SER A 15 4.75 5.88 -5.01
C SER A 15 5.49 7.21 -5.15
N LYS A 16 4.93 8.26 -4.56
CA LYS A 16 5.54 9.58 -4.62
C LYS A 16 6.34 9.88 -3.36
N LEU A 17 5.85 9.40 -2.23
CA LEU A 17 6.52 9.61 -0.95
C LEU A 17 7.97 9.12 -1.00
N ASN A 18 8.70 9.35 0.07
CA ASN A 18 10.10 8.93 0.15
C ASN A 18 10.20 7.41 0.34
N ILE A 19 11.40 6.88 0.19
CA ILE A 19 11.64 5.46 0.35
C ILE A 19 11.31 4.99 1.77
N ASP A 20 11.60 5.85 2.75
CA ASP A 20 11.32 5.54 4.15
C ASP A 20 9.85 5.19 4.35
N HIS A 21 8.97 6.08 3.88
CA HIS A 21 7.53 5.86 4.02
C HIS A 21 7.10 4.60 3.27
N LYS A 22 7.49 4.51 2.00
CA LYS A 22 7.15 3.37 1.18
C LYS A 22 7.58 2.06 1.84
N ASP A 23 8.81 2.04 2.34
CA ASP A 23 9.33 0.85 3.01
C ASP A 23 8.40 0.39 4.12
N TYR A 24 7.78 1.34 4.80
CA TYR A 24 6.86 1.03 5.89
C TYR A 24 5.57 0.40 5.35
N LEU A 25 5.12 0.89 4.20
CA LEU A 25 3.91 0.37 3.58
C LEU A 25 4.12 -1.05 3.06
N LEU A 26 5.31 -1.31 2.54
CA LEU A 26 5.64 -2.63 2.01
C LEU A 26 6.01 -3.59 3.14
N ASP A 27 6.68 -3.07 4.16
CA ASP A 27 7.09 -3.88 5.30
C ASP A 27 5.87 -4.51 5.99
N LEU A 28 4.84 -3.70 6.21
CA LEU A 28 3.63 -4.17 6.85
C LEU A 28 2.78 -5.02 5.89
N LEU A 29 2.73 -4.58 4.63
CA LEU A 29 1.97 -5.30 3.62
C LEU A 29 2.45 -6.74 3.49
N ASN A 30 3.76 -6.94 3.64
CA ASN A 30 4.35 -8.27 3.54
C ASN A 30 3.96 -9.12 4.75
N ASP A 31 3.89 -8.48 5.91
CA ASP A 31 3.53 -9.18 7.15
C ASP A 31 2.06 -8.99 7.47
N VAL A 32 1.25 -8.74 6.45
CA VAL A 32 -0.18 -8.55 6.63
C VAL A 32 -0.86 -9.82 7.07
N LYS A 33 -1.71 -9.72 8.10
CA LYS A 33 -2.43 -10.87 8.62
C LYS A 33 -3.90 -10.53 8.86
N GLY A 34 -4.76 -10.98 7.95
CA GLY A 34 -6.18 -10.70 8.09
C GLY A 34 -6.79 -10.15 6.82
N SER A 35 -7.73 -10.89 6.24
CA SER A 35 -8.40 -10.47 5.01
C SER A 35 -8.94 -9.06 5.15
N LYS A 36 -9.54 -8.77 6.30
CA LYS A 36 -10.11 -7.45 6.57
C LYS A 36 -9.02 -6.38 6.60
N ASP A 37 -7.87 -6.73 7.15
CA ASP A 37 -6.75 -5.81 7.23
C ASP A 37 -6.18 -5.50 5.84
N LEU A 38 -6.10 -6.52 5.00
CA LEU A 38 -5.59 -6.37 3.66
C LEU A 38 -6.39 -5.31 2.88
N LYS A 39 -7.70 -5.39 2.98
CA LYS A 39 -8.59 -4.45 2.30
C LYS A 39 -8.46 -3.05 2.90
N GLU A 40 -8.44 -2.99 4.23
CA GLU A 40 -8.32 -1.72 4.93
C GLU A 40 -7.07 -0.97 4.49
N PHE A 41 -6.00 -1.71 4.24
CA PHE A 41 -4.73 -1.13 3.82
C PHE A 41 -4.92 -0.30 2.55
N HIS A 42 -5.79 -0.78 1.66
CA HIS A 42 -6.05 -0.09 0.40
C HIS A 42 -6.85 1.20 0.65
N LYS A 43 -7.75 1.15 1.63
CA LYS A 43 -8.57 2.31 1.95
C LYS A 43 -7.70 3.50 2.34
N MET A 44 -6.65 3.24 3.12
CA MET A 44 -5.73 4.30 3.55
C MET A 44 -4.75 4.64 2.44
N LEU A 45 -4.34 3.63 1.68
CA LEU A 45 -3.39 3.84 0.59
C LEU A 45 -3.90 4.89 -0.38
N THR A 46 -5.12 4.71 -0.87
CA THR A 46 -5.73 5.64 -1.81
C THR A 46 -5.77 7.04 -1.23
N ALA A 47 -6.00 7.14 0.08
CA ALA A 47 -6.07 8.42 0.75
C ALA A 47 -4.73 9.15 0.68
N ILE A 48 -3.65 8.44 0.99
CA ILE A 48 -2.32 9.02 0.96
C ILE A 48 -2.05 9.70 -0.38
N LEU A 49 -2.22 8.96 -1.47
CA LEU A 49 -2.01 9.50 -2.81
C LEU A 49 -3.05 10.55 -3.15
N ALA A 50 -4.29 10.33 -2.69
CA ALA A 50 -5.38 11.25 -2.94
C ALA A 50 -5.02 12.67 -2.51
N LYS A 51 -4.71 12.82 -1.23
CA LYS A 51 -4.34 14.12 -0.68
C LYS A 51 -2.99 14.58 -1.22
N GLN A 52 -2.10 13.62 -1.47
CA GLN A 52 -0.77 13.92 -1.99
C GLN A 52 -0.86 14.50 -3.39
N PRO A 53 0.22 15.18 -3.82
CA PRO A 53 0.29 15.81 -5.14
C PRO A 53 0.38 14.77 -6.26
N GLY A 1 -11.74 -7.35 -6.95
CA GLY A 1 -11.46 -7.96 -8.24
C GLY A 1 -10.18 -7.45 -8.87
N SER A 2 -9.32 -8.37 -9.27
CA SER A 2 -8.04 -8.00 -9.89
C SER A 2 -7.24 -7.09 -8.97
N SER A 3 -7.15 -7.47 -7.70
CA SER A 3 -6.41 -6.69 -6.71
C SER A 3 -5.37 -7.54 -5.99
N SER A 4 -4.47 -8.14 -6.77
CA SER A 4 -3.43 -8.99 -6.20
C SER A 4 -2.42 -8.17 -5.41
N ARG A 5 -1.90 -8.75 -4.34
CA ARG A 5 -0.92 -8.07 -3.50
C ARG A 5 0.22 -7.51 -4.33
N SER A 6 0.60 -8.24 -5.38
CA SER A 6 1.69 -7.82 -6.26
C SER A 6 1.41 -6.43 -6.83
N VAL A 7 0.14 -6.16 -7.10
CA VAL A 7 -0.27 -4.88 -7.66
C VAL A 7 -0.07 -3.75 -6.65
N ILE A 8 -0.62 -3.94 -5.45
CA ILE A 8 -0.50 -2.95 -4.39
C ILE A 8 0.96 -2.63 -4.09
N ARG A 9 1.73 -3.67 -3.79
CA ARG A 9 3.15 -3.50 -3.48
C ARG A 9 3.88 -2.81 -4.63
N SER A 10 3.46 -3.11 -5.86
CA SER A 10 4.08 -2.52 -7.04
C SER A 10 3.89 -1.00 -7.05
N ILE A 11 2.74 -0.56 -6.58
CA ILE A 11 2.43 0.87 -6.53
C ILE A 11 3.18 1.56 -5.40
N ILE A 12 3.27 0.88 -4.26
CA ILE A 12 3.97 1.43 -3.10
C ILE A 12 5.41 1.80 -3.45
N LYS A 13 6.10 0.88 -4.12
CA LYS A 13 7.49 1.11 -4.51
C LYS A 13 7.57 2.21 -5.58
N SER A 14 6.58 2.27 -6.46
CA SER A 14 6.55 3.27 -7.51
C SER A 14 5.70 4.46 -7.10
N SER A 15 5.56 4.66 -5.79
CA SER A 15 4.78 5.77 -5.26
C SER A 15 5.51 7.10 -5.46
N LYS A 16 4.94 8.17 -4.93
CA LYS A 16 5.52 9.50 -5.04
C LYS A 16 6.30 9.85 -3.78
N LEU A 17 5.78 9.42 -2.63
CA LEU A 17 6.42 9.70 -1.36
C LEU A 17 7.87 9.22 -1.36
N ASN A 18 8.59 9.51 -0.28
CA ASN A 18 9.98 9.12 -0.16
C ASN A 18 10.10 7.63 0.10
N ILE A 19 11.31 7.09 -0.10
CA ILE A 19 11.55 5.66 0.11
C ILE A 19 11.29 5.28 1.56
N ASP A 20 11.62 6.17 2.48
CA ASP A 20 11.41 5.93 3.91
C ASP A 20 9.96 5.54 4.18
N HIS A 21 9.03 6.37 3.72
CA HIS A 21 7.61 6.13 3.92
C HIS A 21 7.17 4.86 3.20
N LYS A 22 7.51 4.76 1.93
CA LYS A 22 7.16 3.59 1.12
C LYS A 22 7.60 2.31 1.80
N ASP A 23 8.84 2.31 2.30
CA ASP A 23 9.38 1.14 2.98
C ASP A 23 8.46 0.67 4.09
N TYR A 24 7.83 1.63 4.77
CA TYR A 24 6.92 1.31 5.86
C TYR A 24 5.67 0.61 5.34
N LEU A 25 5.10 1.15 4.27
CA LEU A 25 3.90 0.58 3.67
C LEU A 25 4.16 -0.83 3.16
N LEU A 26 5.36 -1.04 2.63
CA LEU A 26 5.74 -2.35 2.09
C LEU A 26 6.11 -3.31 3.22
N ASP A 27 6.74 -2.77 4.26
CA ASP A 27 7.15 -3.58 5.40
C ASP A 27 5.93 -4.21 6.08
N LEU A 28 4.90 -3.42 6.29
CA LEU A 28 3.68 -3.90 6.94
C LEU A 28 2.85 -4.73 5.96
N LEU A 29 2.78 -4.29 4.71
CA LEU A 29 2.04 -5.00 3.69
C LEU A 29 2.54 -6.44 3.54
N ASN A 30 3.84 -6.62 3.68
CA ASN A 30 4.44 -7.94 3.56
C ASN A 30 4.09 -8.81 4.75
N ASP A 31 4.01 -8.20 5.93
CA ASP A 31 3.68 -8.91 7.15
C ASP A 31 2.19 -8.76 7.48
N VAL A 32 1.39 -8.54 6.46
CA VAL A 32 -0.05 -8.39 6.63
C VAL A 32 -0.71 -9.70 7.01
N LYS A 33 -1.56 -9.66 8.05
CA LYS A 33 -2.25 -10.86 8.51
C LYS A 33 -3.73 -10.58 8.72
N GLY A 34 -4.55 -11.04 7.78
CA GLY A 34 -5.98 -10.83 7.88
C GLY A 34 -6.58 -10.25 6.61
N SER A 35 -7.54 -10.95 6.03
CA SER A 35 -8.18 -10.50 4.81
C SER A 35 -8.78 -9.10 4.98
N LYS A 36 -9.36 -8.87 6.15
CA LYS A 36 -9.97 -7.58 6.45
C LYS A 36 -8.91 -6.47 6.49
N ASP A 37 -7.76 -6.79 7.07
CA ASP A 37 -6.66 -5.83 7.18
C ASP A 37 -6.11 -5.48 5.80
N LEU A 38 -6.00 -6.50 4.94
CA LEU A 38 -5.48 -6.31 3.59
C LEU A 38 -6.31 -5.26 2.84
N LYS A 39 -7.63 -5.34 3.00
CA LYS A 39 -8.54 -4.40 2.33
C LYS A 39 -8.44 -3.02 2.95
N GLU A 40 -8.40 -2.98 4.28
CA GLU A 40 -8.31 -1.71 5.00
C GLU A 40 -7.07 -0.93 4.57
N PHE A 41 -5.98 -1.65 4.30
CA PHE A 41 -4.73 -1.02 3.89
C PHE A 41 -4.94 -0.19 2.63
N HIS A 42 -5.71 -0.72 1.68
CA HIS A 42 -5.98 -0.02 0.44
C HIS A 42 -6.68 1.31 0.70
N LYS A 43 -7.63 1.30 1.63
CA LYS A 43 -8.37 2.51 1.98
C LYS A 43 -7.42 3.65 2.34
N MET A 44 -6.31 3.31 3.00
CA MET A 44 -5.32 4.30 3.39
C MET A 44 -4.40 4.65 2.23
N LEU A 45 -3.86 3.61 1.57
CA LEU A 45 -2.96 3.82 0.45
C LEU A 45 -3.59 4.75 -0.59
N THR A 46 -4.81 4.43 -1.00
CA THR A 46 -5.53 5.24 -1.99
C THR A 46 -5.66 6.69 -1.51
N ALA A 47 -5.85 6.86 -0.21
CA ALA A 47 -5.99 8.19 0.37
C ALA A 47 -4.68 8.95 0.33
N ILE A 48 -3.62 8.32 0.82
CA ILE A 48 -2.30 8.95 0.84
C ILE A 48 -1.93 9.47 -0.54
N LEU A 49 -2.07 8.62 -1.55
CA LEU A 49 -1.75 9.01 -2.93
C LEU A 49 -2.76 10.02 -3.47
N ALA A 50 -4.01 9.87 -3.05
CA ALA A 50 -5.07 10.78 -3.48
C ALA A 50 -4.75 12.22 -3.10
N LYS A 51 -4.58 12.46 -1.80
CA LYS A 51 -4.28 13.80 -1.30
C LYS A 51 -2.91 14.25 -1.79
N GLN A 52 -1.99 13.30 -1.95
CA GLN A 52 -0.64 13.61 -2.40
C GLN A 52 -0.66 14.11 -3.84
N PRO A 53 0.42 14.79 -4.24
CA PRO A 53 0.56 15.33 -5.60
C PRO A 53 0.75 14.23 -6.64
N GLY A 1 -6.49 -9.47 -10.90
CA GLY A 1 -7.19 -8.65 -9.94
C GLY A 1 -7.21 -9.24 -8.55
N SER A 2 -8.41 -9.38 -7.99
CA SER A 2 -8.56 -9.95 -6.65
C SER A 2 -7.66 -9.23 -5.65
N SER A 3 -7.53 -7.92 -5.81
CA SER A 3 -6.68 -7.13 -4.93
C SER A 3 -5.29 -7.75 -4.80
N SER A 4 -4.73 -8.18 -5.93
CA SER A 4 -3.41 -8.80 -5.94
C SER A 4 -2.39 -7.91 -5.23
N ARG A 5 -1.77 -8.45 -4.18
CA ARG A 5 -0.78 -7.71 -3.42
C ARG A 5 0.29 -7.12 -4.33
N SER A 6 0.71 -7.91 -5.32
CA SER A 6 1.73 -7.46 -6.27
C SER A 6 1.35 -6.11 -6.87
N VAL A 7 0.06 -5.91 -7.10
CA VAL A 7 -0.44 -4.67 -7.68
C VAL A 7 -0.27 -3.50 -6.71
N ILE A 8 -0.77 -3.68 -5.49
CA ILE A 8 -0.68 -2.65 -4.46
C ILE A 8 0.77 -2.26 -4.20
N ARG A 9 1.59 -3.26 -3.89
CA ARG A 9 3.01 -3.02 -3.61
C ARG A 9 3.68 -2.32 -4.79
N SER A 10 3.26 -2.67 -6.00
CA SER A 10 3.81 -2.08 -7.21
C SER A 10 3.55 -0.58 -7.25
N ILE A 11 2.38 -0.18 -6.77
CA ILE A 11 2.01 1.23 -6.76
C ILE A 11 2.83 2.01 -5.73
N ILE A 12 3.10 1.36 -4.59
CA ILE A 12 3.87 1.99 -3.53
C ILE A 12 5.33 2.16 -3.94
N LYS A 13 5.95 1.05 -4.33
CA LYS A 13 7.36 1.06 -4.74
C LYS A 13 7.58 2.08 -5.86
N SER A 14 6.59 2.22 -6.72
CA SER A 14 6.68 3.16 -7.84
C SER A 14 6.37 4.59 -7.37
N SER A 15 5.42 4.70 -6.45
CA SER A 15 5.02 6.01 -5.92
C SER A 15 6.24 6.79 -5.46
N LYS A 16 6.11 8.12 -5.47
CA LYS A 16 7.21 9.00 -5.05
C LYS A 16 7.04 9.41 -3.59
N LEU A 17 6.50 8.49 -2.78
CA LEU A 17 6.30 8.76 -1.37
C LEU A 17 7.61 8.68 -0.59
N ASN A 18 7.57 9.04 0.69
CA ASN A 18 8.75 9.00 1.53
C ASN A 18 9.44 7.65 1.46
N ILE A 19 10.76 7.66 1.48
CA ILE A 19 11.54 6.42 1.41
C ILE A 19 11.19 5.49 2.56
N ASP A 20 10.92 6.08 3.73
CA ASP A 20 10.57 5.30 4.91
C ASP A 20 9.12 4.84 4.84
N HIS A 21 8.25 5.68 4.28
CA HIS A 21 6.84 5.34 4.15
C HIS A 21 6.64 4.15 3.23
N LYS A 22 7.31 4.17 2.09
CA LYS A 22 7.21 3.08 1.12
C LYS A 22 7.66 1.76 1.73
N ASP A 23 8.84 1.77 2.36
CA ASP A 23 9.39 0.58 2.99
C ASP A 23 8.44 0.05 4.05
N TYR A 24 7.80 0.96 4.77
CA TYR A 24 6.87 0.58 5.83
C TYR A 24 5.59 -0.02 5.24
N LEU A 25 4.98 0.70 4.30
CA LEU A 25 3.75 0.23 3.67
C LEU A 25 3.97 -1.10 2.98
N LEU A 26 5.16 -1.29 2.42
CA LEU A 26 5.50 -2.54 1.74
C LEU A 26 5.85 -3.63 2.74
N ASP A 27 6.53 -3.23 3.82
CA ASP A 27 6.93 -4.18 4.85
C ASP A 27 5.71 -4.78 5.54
N LEU A 28 4.74 -3.93 5.89
CA LEU A 28 3.52 -4.38 6.55
C LEU A 28 2.61 -5.12 5.57
N LEU A 29 2.52 -4.60 4.35
CA LEU A 29 1.68 -5.20 3.32
C LEU A 29 2.10 -6.64 3.06
N ASN A 30 3.40 -6.89 3.13
CA ASN A 30 3.93 -8.24 2.89
C ASN A 30 3.66 -9.14 4.10
N ASP A 31 3.72 -8.57 5.29
CA ASP A 31 3.48 -9.32 6.51
C ASP A 31 2.05 -9.13 7.00
N VAL A 32 1.15 -8.84 6.06
CA VAL A 32 -0.25 -8.63 6.39
C VAL A 32 -0.93 -9.94 6.74
N LYS A 33 -1.82 -9.89 7.74
CA LYS A 33 -2.54 -11.09 8.17
C LYS A 33 -4.02 -10.77 8.42
N GLY A 34 -4.85 -11.03 7.41
CA GLY A 34 -6.27 -10.76 7.53
C GLY A 34 -6.82 -10.03 6.33
N SER A 35 -7.71 -10.69 5.59
CA SER A 35 -8.33 -10.09 4.41
C SER A 35 -8.92 -8.73 4.74
N LYS A 36 -9.58 -8.64 5.89
CA LYS A 36 -10.21 -7.39 6.32
C LYS A 36 -9.19 -6.26 6.36
N ASP A 37 -8.04 -6.53 6.97
CA ASP A 37 -6.98 -5.53 7.07
C ASP A 37 -6.42 -5.19 5.70
N LEU A 38 -6.31 -6.20 4.84
CA LEU A 38 -5.79 -6.01 3.49
C LEU A 38 -6.61 -4.97 2.74
N LYS A 39 -7.92 -4.99 2.93
CA LYS A 39 -8.82 -4.05 2.27
C LYS A 39 -8.70 -2.67 2.90
N GLU A 40 -8.76 -2.62 4.22
CA GLU A 40 -8.66 -1.35 4.94
C GLU A 40 -7.37 -0.61 4.58
N PHE A 41 -6.30 -1.38 4.38
CA PHE A 41 -5.01 -0.80 4.03
C PHE A 41 -5.12 0.04 2.76
N HIS A 42 -5.94 -0.41 1.83
CA HIS A 42 -6.13 0.30 0.57
C HIS A 42 -6.86 1.63 0.80
N LYS A 43 -7.79 1.63 1.74
CA LYS A 43 -8.57 2.83 2.06
C LYS A 43 -7.64 3.98 2.42
N MET A 44 -6.63 3.69 3.24
CA MET A 44 -5.67 4.71 3.66
C MET A 44 -4.64 4.96 2.57
N LEU A 45 -4.26 3.91 1.86
CA LEU A 45 -3.27 4.02 0.79
C LEU A 45 -3.70 5.06 -0.23
N THR A 46 -4.89 4.89 -0.79
CA THR A 46 -5.41 5.82 -1.78
C THR A 46 -5.41 7.25 -1.26
N ALA A 47 -5.67 7.40 0.04
CA ALA A 47 -5.68 8.72 0.67
C ALA A 47 -4.33 9.41 0.54
N ILE A 48 -3.26 8.63 0.61
CA ILE A 48 -1.92 9.16 0.51
C ILE A 48 -1.67 9.78 -0.87
N LEU A 49 -1.84 8.97 -1.91
CA LEU A 49 -1.65 9.43 -3.28
C LEU A 49 -2.55 10.63 -3.58
N ALA A 50 -3.75 10.61 -3.02
CA ALA A 50 -4.70 11.69 -3.22
C ALA A 50 -4.08 13.04 -2.88
N LYS A 51 -3.26 13.06 -1.83
CA LYS A 51 -2.61 14.28 -1.40
C LYS A 51 -1.51 14.69 -2.38
N GLN A 52 -0.87 13.70 -2.99
CA GLN A 52 0.20 13.95 -3.95
C GLN A 52 -0.35 14.64 -5.21
N PRO A 53 0.55 15.28 -5.97
CA PRO A 53 0.18 15.97 -7.20
C PRO A 53 -0.22 15.01 -8.31
N GLY A 1 -11.37 -4.94 -11.54
CA GLY A 1 -10.56 -6.14 -11.72
C GLY A 1 -10.05 -6.68 -10.40
N SER A 2 -9.01 -7.51 -10.46
CA SER A 2 -8.43 -8.11 -9.27
C SER A 2 -7.50 -7.12 -8.57
N SER A 3 -7.21 -7.39 -7.29
CA SER A 3 -6.34 -6.53 -6.52
C SER A 3 -5.23 -7.34 -5.84
N SER A 4 -4.52 -8.14 -6.64
CA SER A 4 -3.44 -8.96 -6.13
C SER A 4 -2.42 -8.12 -5.38
N ARG A 5 -1.79 -8.73 -4.37
CA ARG A 5 -0.78 -8.03 -3.57
C ARG A 5 0.27 -7.38 -4.46
N SER A 6 0.61 -8.06 -5.56
CA SER A 6 1.61 -7.56 -6.49
C SER A 6 1.22 -6.18 -7.01
N VAL A 7 -0.08 -5.97 -7.20
CA VAL A 7 -0.59 -4.70 -7.69
C VAL A 7 -0.39 -3.58 -6.67
N ILE A 8 -0.81 -3.85 -5.44
CA ILE A 8 -0.66 -2.87 -4.36
C ILE A 8 0.80 -2.51 -4.14
N ARG A 9 1.62 -3.52 -3.91
CA ARG A 9 3.05 -3.30 -3.68
C ARG A 9 3.68 -2.56 -4.84
N SER A 10 3.20 -2.85 -6.06
CA SER A 10 3.73 -2.20 -7.25
C SER A 10 3.53 -0.69 -7.20
N ILE A 11 2.41 -0.27 -6.62
CA ILE A 11 2.10 1.14 -6.50
C ILE A 11 2.88 1.79 -5.37
N ILE A 12 3.09 1.03 -4.29
CA ILE A 12 3.84 1.52 -3.14
C ILE A 12 5.27 1.87 -3.52
N LYS A 13 5.95 0.93 -4.17
CA LYS A 13 7.33 1.15 -4.59
C LYS A 13 7.43 2.29 -5.60
N SER A 14 6.42 2.41 -6.46
CA SER A 14 6.38 3.45 -7.46
C SER A 14 5.57 4.65 -6.98
N SER A 15 5.47 4.79 -5.65
CA SER A 15 4.72 5.90 -5.06
C SER A 15 5.50 7.20 -5.17
N LYS A 16 4.95 8.27 -4.60
CA LYS A 16 5.58 9.57 -4.64
C LYS A 16 5.60 10.21 -3.26
N LEU A 17 5.74 9.37 -2.22
CA LEU A 17 5.78 9.85 -0.85
C LEU A 17 7.22 10.02 -0.36
N ASN A 18 7.87 8.90 -0.09
CA ASN A 18 9.25 8.91 0.39
C ASN A 18 9.80 7.49 0.51
N ILE A 19 11.11 7.37 0.40
CA ILE A 19 11.76 6.06 0.49
C ILE A 19 11.50 5.41 1.84
N ASP A 20 11.44 6.23 2.89
CA ASP A 20 11.17 5.74 4.24
C ASP A 20 9.73 5.28 4.38
N HIS A 21 8.81 6.13 3.94
CA HIS A 21 7.38 5.81 4.02
C HIS A 21 7.06 4.52 3.27
N LYS A 22 7.49 4.46 2.01
CA LYS A 22 7.24 3.28 1.19
C LYS A 22 7.78 2.03 1.86
N ASP A 23 9.00 2.11 2.37
CA ASP A 23 9.63 0.97 3.05
C ASP A 23 8.73 0.45 4.16
N TYR A 24 8.04 1.35 4.85
CA TYR A 24 7.15 0.98 5.94
C TYR A 24 5.88 0.30 5.40
N LEU A 25 5.31 0.89 4.35
CA LEU A 25 4.10 0.35 3.74
C LEU A 25 4.35 -1.05 3.20
N LEU A 26 5.52 -1.26 2.63
CA LEU A 26 5.88 -2.56 2.07
C LEU A 26 6.31 -3.53 3.18
N ASP A 27 7.00 -3.00 4.19
CA ASP A 27 7.46 -3.81 5.31
C ASP A 27 6.29 -4.48 6.01
N LEU A 28 5.23 -3.73 6.25
CA LEU A 28 4.04 -4.26 6.92
C LEU A 28 3.19 -5.06 5.95
N LEU A 29 3.07 -4.57 4.72
CA LEU A 29 2.28 -5.24 3.70
C LEU A 29 2.77 -6.67 3.48
N ASN A 30 4.08 -6.85 3.58
CA ASN A 30 4.68 -8.18 3.39
C ASN A 30 4.27 -9.12 4.52
N ASP A 31 4.16 -8.58 5.73
CA ASP A 31 3.77 -9.37 6.89
C ASP A 31 2.30 -9.16 7.22
N VAL A 32 1.51 -8.80 6.22
CA VAL A 32 0.08 -8.56 6.40
C VAL A 32 -0.65 -9.87 6.70
N LYS A 33 -1.55 -9.82 7.69
CA LYS A 33 -2.32 -10.99 8.07
C LYS A 33 -3.77 -10.62 8.36
N GLY A 34 -4.70 -11.24 7.62
CA GLY A 34 -6.11 -10.95 7.82
C GLY A 34 -6.72 -10.21 6.65
N SER A 35 -7.69 -10.83 5.98
CA SER A 35 -8.34 -10.23 4.83
C SER A 35 -8.88 -8.85 5.19
N LYS A 36 -9.52 -8.74 6.35
CA LYS A 36 -10.08 -7.48 6.81
C LYS A 36 -8.98 -6.43 7.00
N ASP A 37 -7.88 -6.84 7.60
CA ASP A 37 -6.76 -5.94 7.83
C ASP A 37 -6.11 -5.52 6.51
N LEU A 38 -6.06 -6.44 5.57
CA LEU A 38 -5.47 -6.16 4.26
C LEU A 38 -6.29 -5.13 3.50
N LYS A 39 -7.61 -5.31 3.52
CA LYS A 39 -8.52 -4.39 2.83
C LYS A 39 -8.40 -2.97 3.40
N GLU A 40 -8.29 -2.87 4.72
CA GLU A 40 -8.17 -1.59 5.39
C GLU A 40 -6.93 -0.84 4.89
N PHE A 41 -5.86 -1.59 4.63
CA PHE A 41 -4.62 -1.00 4.16
C PHE A 41 -4.84 -0.21 2.87
N HIS A 42 -5.58 -0.80 1.94
CA HIS A 42 -5.88 -0.15 0.67
C HIS A 42 -6.53 1.20 0.89
N LYS A 43 -7.52 1.24 1.77
CA LYS A 43 -8.23 2.49 2.08
C LYS A 43 -7.25 3.59 2.43
N MET A 44 -6.18 3.23 3.12
CA MET A 44 -5.16 4.20 3.53
C MET A 44 -4.25 4.55 2.37
N LEU A 45 -3.72 3.53 1.72
CA LEU A 45 -2.81 3.72 0.58
C LEU A 45 -3.45 4.65 -0.45
N THR A 46 -4.66 4.30 -0.89
CA THR A 46 -5.38 5.10 -1.88
C THR A 46 -5.60 6.52 -1.38
N ALA A 47 -5.84 6.65 -0.07
CA ALA A 47 -6.07 7.96 0.53
C ALA A 47 -4.81 8.83 0.46
N ILE A 48 -3.69 8.27 0.89
CA ILE A 48 -2.43 8.99 0.88
C ILE A 48 -2.09 9.48 -0.53
N LEU A 49 -2.02 8.56 -1.47
CA LEU A 49 -1.71 8.90 -2.85
C LEU A 49 -2.74 9.88 -3.42
N ALA A 50 -4.00 9.71 -3.03
CA ALA A 50 -5.06 10.59 -3.49
C ALA A 50 -4.76 12.05 -3.18
N LYS A 51 -4.13 12.28 -2.02
CA LYS A 51 -3.77 13.62 -1.60
C LYS A 51 -2.69 14.21 -2.50
N GLN A 52 -1.81 13.34 -3.00
CA GLN A 52 -0.73 13.78 -3.87
C GLN A 52 -1.28 14.23 -5.22
N PRO A 53 -0.46 15.01 -5.95
CA PRO A 53 -0.83 15.52 -7.27
C PRO A 53 -0.89 14.44 -8.33
#